data_5BUY
#
_entry.id   5BUY
#
_cell.length_a   136.709
_cell.length_b   56.029
_cell.length_c   140.089
_cell.angle_alpha   90.00
_cell.angle_beta   113.00
_cell.angle_gamma   90.00
#
_symmetry.space_group_name_H-M   'C 1 2 1'
#
loop_
_entity.id
_entity.type
_entity.pdbx_description
1 polymer '3-hydroxyacyl-[acyl-carrier-protein] dehydratase FabZ'
2 non-polymer 'SULFATE ION'
3 water water
#
_entity_poly.entity_id   1
_entity_poly.type   'polypeptide(L)'
_entity_poly.pdbx_seq_one_letter_code
;HHHHHHSSGLVPRGSMSQFNQNNKQIDVMGIRKILPHRYPFALLDKIVDWSVEDRTIVAQKNVTINEDFFNGHFPDFPVM
PGVLIVEAMAQATAILGELMAETLFAHVVEKAGGGRRTFMLAGIDKVRVKRPVVPGDVLVIESRMVKQKNIICTAESVAK
VDGQIVCSAELMAAYKDY
;
_entity_poly.pdbx_strand_id   A,B,C,D,E,F
#
# COMPACT_ATOMS: atom_id res chain seq x y z
N LYS A 24 -30.96 -13.27 -6.55
CA LYS A 24 -30.69 -11.79 -6.49
C LYS A 24 -29.67 -11.33 -5.40
N GLN A 25 -28.71 -12.20 -5.09
CA GLN A 25 -27.51 -11.83 -4.34
C GLN A 25 -26.34 -11.97 -5.30
N ILE A 26 -25.38 -11.06 -5.18
CA ILE A 26 -24.15 -11.14 -5.99
C ILE A 26 -22.98 -10.93 -5.05
N ASP A 27 -22.08 -11.90 -4.97
CA ASP A 27 -20.92 -11.85 -4.06
C ASP A 27 -19.84 -11.05 -4.78
N VAL A 28 -18.76 -10.79 -4.08
CA VAL A 28 -17.68 -10.00 -4.65
C VAL A 28 -17.19 -10.59 -5.99
N MET A 29 -17.13 -11.90 -6.09
CA MET A 29 -16.62 -12.52 -7.29
C MET A 29 -17.51 -12.19 -8.44
N GLY A 30 -18.82 -12.00 -8.14
CA GLY A 30 -19.80 -11.58 -9.12
C GLY A 30 -19.67 -10.14 -9.54
N ILE A 31 -19.50 -9.27 -8.55
CA ILE A 31 -19.26 -7.84 -8.84
C ILE A 31 -18.15 -7.67 -9.86
N ARG A 32 -17.02 -8.36 -9.67
CA ARG A 32 -15.89 -8.32 -10.61
C ARG A 32 -16.17 -8.66 -12.06
N LYS A 33 -17.10 -9.59 -12.31
CA LYS A 33 -17.48 -9.88 -13.70
C LYS A 33 -18.13 -8.65 -14.30
N ILE A 34 -18.86 -7.94 -13.46
CA ILE A 34 -19.64 -6.77 -13.86
C ILE A 34 -18.87 -5.42 -13.88
N LEU A 35 -18.14 -5.13 -12.79
CA LEU A 35 -17.36 -3.86 -12.68
C LEU A 35 -15.87 -4.11 -12.83
N PRO A 36 -15.16 -3.18 -13.51
CA PRO A 36 -13.71 -3.32 -13.75
C PRO A 36 -12.84 -2.93 -12.53
N HIS A 37 -13.35 -2.01 -11.70
CA HIS A 37 -12.82 -1.69 -10.35
C HIS A 37 -12.16 -2.83 -9.62
N ARG A 38 -10.95 -2.65 -9.12
CA ARG A 38 -10.30 -3.64 -8.24
C ARG A 38 -9.63 -2.84 -7.16
N TYR A 39 -9.01 -3.52 -6.20
CA TYR A 39 -8.37 -2.88 -5.03
C TYR A 39 -7.36 -1.85 -5.45
N PRO A 40 -7.24 -0.73 -4.72
CA PRO A 40 -7.97 -0.23 -3.54
C PRO A 40 -9.24 0.52 -3.87
N PHE A 41 -9.79 0.39 -5.09
CA PHE A 41 -11.02 1.11 -5.39
C PHE A 41 -12.26 0.23 -5.66
N ALA A 42 -12.26 -0.97 -5.07
CA ALA A 42 -13.46 -1.84 -4.97
C ALA A 42 -14.06 -1.62 -3.62
N LEU A 43 -15.21 -0.93 -3.57
CA LEU A 43 -15.80 -0.50 -2.30
C LEU A 43 -17.20 -1.02 -2.12
N LEU A 44 -17.43 -2.23 -2.59
CA LEU A 44 -18.67 -2.94 -2.34
C LEU A 44 -18.35 -4.38 -2.09
N ASP A 45 -18.84 -4.90 -0.97
CA ASP A 45 -18.67 -6.32 -0.72
C ASP A 45 -19.69 -7.22 -1.46
N LYS A 46 -20.98 -6.91 -1.39
CA LYS A 46 -21.98 -7.77 -2.04
C LYS A 46 -23.24 -7.02 -2.27
N ILE A 47 -24.02 -7.56 -3.21
CA ILE A 47 -25.35 -7.09 -3.47
C ILE A 47 -26.30 -7.91 -2.64
N VAL A 48 -27.02 -7.26 -1.72
CA VAL A 48 -28.00 -7.93 -0.86
C VAL A 48 -29.30 -8.25 -1.61
N ASP A 49 -29.65 -7.44 -2.62
CA ASP A 49 -30.92 -7.60 -3.40
C ASP A 49 -30.96 -6.64 -4.60
N TRP A 50 -31.51 -7.09 -5.71
CA TRP A 50 -31.83 -6.16 -6.80
C TRP A 50 -33.22 -6.41 -7.42
N SER A 51 -33.69 -5.45 -8.20
CA SER A 51 -34.95 -5.57 -8.90
C SER A 51 -34.88 -4.74 -10.18
N VAL A 52 -34.91 -5.41 -11.32
CA VAL A 52 -34.96 -4.65 -12.59
C VAL A 52 -36.33 -3.96 -12.68
N GLU A 53 -37.36 -4.72 -12.34
CA GLU A 53 -38.73 -4.23 -12.35
C GLU A 53 -38.82 -2.93 -11.54
N ASP A 54 -38.34 -2.94 -10.29
CA ASP A 54 -38.39 -1.74 -9.44
C ASP A 54 -37.27 -0.72 -9.66
N ARG A 55 -36.26 -1.10 -10.43
CA ARG A 55 -35.03 -0.28 -10.61
C ARG A 55 -34.37 0.11 -9.27
N THR A 56 -34.34 -0.84 -8.34
CA THR A 56 -33.64 -0.67 -7.08
C THR A 56 -32.49 -1.69 -6.95
N ILE A 57 -31.68 -1.44 -5.92
CA ILE A 57 -30.59 -2.33 -5.56
C ILE A 57 -30.28 -2.05 -4.12
N VAL A 58 -29.90 -3.10 -3.40
CA VAL A 58 -29.29 -2.94 -2.08
C VAL A 58 -27.91 -3.56 -2.15
N ALA A 59 -26.92 -2.83 -1.64
CA ALA A 59 -25.57 -3.34 -1.58
C ALA A 59 -25.08 -3.19 -0.16
N GLN A 60 -23.97 -3.88 0.11
CA GLN A 60 -23.35 -3.79 1.40
C GLN A 60 -21.81 -3.54 1.30
N LYS A 61 -21.36 -2.59 2.10
CA LYS A 61 -19.96 -2.28 2.26
C LYS A 61 -19.63 -2.41 3.75
N ASN A 62 -18.82 -3.41 4.10
CA ASN A 62 -18.31 -3.50 5.49
C ASN A 62 -17.14 -2.57 5.70
N VAL A 63 -17.19 -1.78 6.77
CA VAL A 63 -16.14 -0.79 7.07
C VAL A 63 -15.27 -1.29 8.21
N THR A 64 -13.98 -1.45 7.95
CA THR A 64 -13.07 -1.93 8.96
C THR A 64 -11.81 -1.09 9.03
N ILE A 65 -11.17 -1.13 10.21
CA ILE A 65 -9.95 -0.39 10.46
C ILE A 65 -8.77 -0.99 9.70
N ASN A 66 -8.92 -2.19 9.15
CA ASN A 66 -7.89 -2.75 8.27
C ASN A 66 -8.00 -2.22 6.82
N GLU A 67 -8.37 -0.96 6.66
CA GLU A 67 -8.54 -0.37 5.32
C GLU A 67 -7.54 0.74 5.26
N ASP A 68 -6.75 0.76 4.20
CA ASP A 68 -5.63 1.74 4.15
C ASP A 68 -5.97 3.22 4.39
N PHE A 69 -7.16 3.67 4.01
CA PHE A 69 -7.45 5.10 3.98
C PHE A 69 -7.71 5.63 5.36
N PHE A 70 -8.10 4.72 6.27
CA PHE A 70 -8.23 5.05 7.69
C PHE A 70 -6.94 5.48 8.36
N ASN A 71 -5.78 5.16 7.78
CA ASN A 71 -4.51 5.68 8.32
C ASN A 71 -4.33 7.15 8.01
N GLY A 72 -5.00 7.67 7.00
CA GLY A 72 -4.77 9.08 6.63
C GLY A 72 -5.89 10.03 6.89
N HIS A 73 -7.06 9.48 7.20
CA HIS A 73 -8.32 10.22 7.36
C HIS A 73 -9.10 9.62 8.57
N PHE A 74 -8.72 9.98 9.82
CA PHE A 74 -7.47 10.68 10.13
C PHE A 74 -6.62 9.86 11.06
N PRO A 75 -5.29 10.12 11.09
CA PRO A 75 -4.40 9.31 11.94
C PRO A 75 -4.85 9.27 13.42
N ASP A 76 -5.23 10.44 13.97
CA ASP A 76 -5.84 10.60 15.33
C ASP A 76 -7.31 10.21 15.51
N PHE A 77 -7.99 9.67 14.51
CA PHE A 77 -9.46 9.48 14.62
C PHE A 77 -9.96 9.00 13.26
N PRO A 78 -9.98 7.68 13.06
CA PRO A 78 -10.38 7.12 11.80
C PRO A 78 -11.86 7.31 11.56
N VAL A 79 -12.22 7.97 10.47
CA VAL A 79 -13.61 8.07 10.00
C VAL A 79 -13.62 8.04 8.46
N MET A 80 -14.59 7.33 7.90
CA MET A 80 -14.64 7.12 6.49
C MET A 80 -14.85 8.44 5.75
N PRO A 81 -14.12 8.65 4.65
CA PRO A 81 -14.33 9.89 3.87
C PRO A 81 -15.67 9.93 3.18
N GLY A 82 -16.36 11.06 3.31
CA GLY A 82 -17.62 11.30 2.61
C GLY A 82 -17.62 10.82 1.17
N VAL A 83 -16.53 11.07 0.47
CA VAL A 83 -16.45 10.78 -0.92
C VAL A 83 -16.27 9.30 -1.24
N LEU A 84 -15.89 8.49 -0.24
CA LEU A 84 -15.75 7.06 -0.50
C LEU A 84 -17.11 6.37 -0.31
N ILE A 85 -17.92 6.97 0.56
CA ILE A 85 -19.31 6.59 0.69
C ILE A 85 -20.05 6.85 -0.59
N VAL A 86 -19.87 8.05 -1.12
CA VAL A 86 -20.45 8.36 -2.43
C VAL A 86 -19.97 7.36 -3.44
N GLU A 87 -18.68 6.99 -3.42
CA GLU A 87 -18.13 6.15 -4.50
C GLU A 87 -18.74 4.76 -4.47
N ALA A 88 -19.06 4.31 -3.28
CA ALA A 88 -19.70 3.05 -3.08
C ALA A 88 -21.16 3.12 -3.61
N MET A 89 -21.86 4.19 -3.25
CA MET A 89 -23.12 4.50 -3.90
C MET A 89 -22.98 4.45 -5.43
N ALA A 90 -21.89 4.98 -5.98
CA ALA A 90 -21.77 5.05 -7.44
C ALA A 90 -21.55 3.68 -8.03
N GLN A 91 -20.70 2.91 -7.38
CA GLN A 91 -20.49 1.55 -7.78
C GLN A 91 -21.79 0.71 -7.74
N ALA A 92 -22.59 0.89 -6.70
CA ALA A 92 -23.82 0.10 -6.58
C ALA A 92 -24.78 0.51 -7.71
N THR A 93 -24.92 1.81 -7.95
CA THR A 93 -25.66 2.36 -9.11
C THR A 93 -25.17 1.88 -10.48
N ALA A 94 -23.89 1.56 -10.62
CA ALA A 94 -23.38 1.10 -11.90
C ALA A 94 -23.66 -0.40 -12.11
N ILE A 95 -23.71 -1.15 -11.02
CA ILE A 95 -24.11 -2.53 -11.09
C ILE A 95 -25.60 -2.57 -11.50
N LEU A 96 -26.43 -1.86 -10.76
CA LEU A 96 -27.80 -1.67 -11.18
C LEU A 96 -27.85 -1.29 -12.66
N GLY A 97 -27.09 -0.25 -13.00
CA GLY A 97 -26.93 0.15 -14.38
C GLY A 97 -26.73 -1.02 -15.33
N GLU A 98 -25.81 -1.91 -15.00
CA GLU A 98 -25.46 -3.02 -15.89
C GLU A 98 -26.61 -3.98 -15.94
N LEU A 99 -27.04 -4.45 -14.77
CA LEU A 99 -28.14 -5.42 -14.69
C LEU A 99 -29.36 -5.04 -15.56
N MET A 100 -29.55 -3.73 -15.77
CA MET A 100 -30.66 -3.18 -16.54
C MET A 100 -30.34 -2.74 -17.97
N ALA A 101 -29.10 -2.87 -18.42
CA ALA A 101 -28.70 -2.28 -19.70
C ALA A 101 -29.57 -2.69 -20.89
N GLU A 102 -30.27 -3.83 -20.80
CA GLU A 102 -31.21 -4.25 -21.86
C GLU A 102 -32.51 -3.43 -21.77
N THR A 103 -33.14 -3.44 -20.61
CA THR A 103 -34.20 -2.47 -20.27
C THR A 103 -33.74 -1.02 -20.52
N LEU A 104 -32.90 -0.49 -19.64
CA LEU A 104 -32.38 0.88 -19.74
C LEU A 104 -32.15 1.39 -21.16
N PHE A 105 -31.33 0.66 -21.91
CA PHE A 105 -30.87 1.11 -23.21
C PHE A 105 -31.54 0.27 -24.31
N ALA A 106 -32.87 0.27 -24.30
CA ALA A 106 -33.64 -0.31 -25.39
C ALA A 106 -33.41 0.45 -26.69
N HIS A 107 -33.50 1.79 -26.62
CA HIS A 107 -33.51 2.68 -27.80
C HIS A 107 -32.09 3.19 -28.20
N VAL A 108 -31.07 2.34 -28.09
CA VAL A 108 -29.67 2.75 -28.24
C VAL A 108 -28.92 1.80 -29.19
N ARG A 117 -20.71 1.14 -22.02
CA ARG A 117 -19.67 0.12 -21.96
C ARG A 117 -19.07 -0.08 -20.54
N THR A 118 -19.26 0.89 -19.62
CA THR A 118 -18.87 0.70 -18.21
C THR A 118 -19.69 1.42 -17.11
N PHE A 119 -20.31 2.56 -17.45
CA PHE A 119 -20.87 3.53 -16.47
C PHE A 119 -19.79 4.26 -15.70
N MET A 120 -19.53 5.51 -16.05
CA MET A 120 -18.49 6.29 -15.42
C MET A 120 -19.11 7.56 -14.90
N LEU A 121 -18.75 7.97 -13.70
CA LEU A 121 -19.48 8.99 -13.00
C LEU A 121 -19.39 10.31 -13.75
N ALA A 122 -20.52 10.94 -14.03
CA ALA A 122 -20.54 12.21 -14.76
C ALA A 122 -21.06 13.38 -13.95
N GLY A 123 -21.88 13.11 -12.93
CA GLY A 123 -22.28 14.14 -12.01
C GLY A 123 -22.65 13.63 -10.65
N ILE A 124 -22.56 14.50 -9.66
CA ILE A 124 -23.01 14.14 -8.33
C ILE A 124 -23.72 15.35 -7.83
N ASP A 125 -24.88 15.20 -7.23
CA ASP A 125 -25.58 16.43 -6.93
C ASP A 125 -26.14 16.58 -5.52
N LYS A 126 -26.86 15.65 -4.96
CA LYS A 126 -27.52 16.16 -3.74
C LYS A 126 -26.94 15.59 -2.45
N VAL A 127 -25.63 15.75 -2.30
CA VAL A 127 -24.93 15.00 -1.30
C VAL A 127 -25.01 15.69 0.02
N ARG A 128 -25.58 14.94 0.97
CA ARG A 128 -25.63 15.32 2.33
C ARG A 128 -25.00 14.20 3.15
N VAL A 129 -24.02 14.55 3.99
CA VAL A 129 -23.38 13.61 4.88
C VAL A 129 -23.87 13.90 6.28
N LYS A 130 -24.60 12.96 6.88
CA LYS A 130 -25.31 13.26 8.13
C LYS A 130 -24.62 12.75 9.41
N ARG A 131 -23.77 11.72 9.27
CA ARG A 131 -23.20 11.01 10.41
C ARG A 131 -21.80 10.55 10.07
N PRO A 132 -20.88 10.54 11.05
CA PRO A 132 -19.55 9.97 10.83
C PRO A 132 -19.71 8.49 10.71
N VAL A 133 -19.01 7.83 9.78
CA VAL A 133 -19.06 6.36 9.56
C VAL A 133 -17.73 5.77 10.03
N VAL A 134 -17.77 4.84 10.95
CA VAL A 134 -16.57 4.49 11.67
C VAL A 134 -16.34 3.02 11.57
N PRO A 135 -15.11 2.61 11.87
CA PRO A 135 -14.80 1.23 11.62
C PRO A 135 -15.67 0.36 12.49
N GLY A 136 -16.17 -0.71 11.92
CA GLY A 136 -17.21 -1.48 12.56
C GLY A 136 -18.64 -1.08 12.18
N ASP A 137 -18.84 -0.13 11.27
CA ASP A 137 -20.20 0.12 10.74
C ASP A 137 -20.39 -0.72 9.50
N VAL A 138 -21.53 -1.35 9.39
CA VAL A 138 -21.95 -1.99 8.15
C VAL A 138 -22.72 -0.90 7.42
N LEU A 139 -22.50 -0.84 6.12
CA LEU A 139 -22.91 0.31 5.37
C LEU A 139 -23.89 -0.28 4.40
N VAL A 140 -25.17 0.01 4.59
CA VAL A 140 -26.18 -0.61 3.72
C VAL A 140 -26.57 0.43 2.70
N ILE A 141 -26.40 0.08 1.43
CA ILE A 141 -26.50 1.06 0.34
C ILE A 141 -27.71 0.76 -0.56
N GLU A 142 -28.61 1.74 -0.65
CA GLU A 142 -29.81 1.66 -1.51
C GLU A 142 -29.61 2.63 -2.62
N SER A 143 -29.76 2.15 -3.85
CA SER A 143 -29.77 3.02 -5.01
C SER A 143 -30.95 2.71 -5.93
N ARG A 144 -31.59 3.77 -6.43
CA ARG A 144 -32.77 3.69 -7.29
C ARG A 144 -32.54 4.58 -8.51
N MET A 145 -32.65 4.00 -9.70
CA MET A 145 -32.50 4.72 -10.95
C MET A 145 -33.81 5.44 -11.27
N VAL A 146 -33.77 6.74 -11.47
CA VAL A 146 -35.00 7.52 -11.61
C VAL A 146 -35.10 8.29 -12.92
N LYS A 147 -34.03 8.32 -13.71
CA LYS A 147 -34.02 9.12 -14.90
C LYS A 147 -33.09 8.45 -15.88
N GLN A 148 -33.52 8.42 -17.13
CA GLN A 148 -32.72 7.88 -18.21
C GLN A 148 -32.87 8.92 -19.31
N LYS A 149 -31.78 9.19 -20.02
CA LYS A 149 -31.74 10.20 -21.07
C LYS A 149 -30.52 9.97 -22.01
N ASN A 150 -30.78 9.30 -23.14
CA ASN A 150 -29.81 9.05 -24.23
C ASN A 150 -28.37 8.74 -23.82
N ILE A 151 -28.22 7.81 -22.88
CA ILE A 151 -26.90 7.33 -22.39
C ILE A 151 -26.53 7.89 -21.01
N ILE A 152 -27.28 8.86 -20.50
CA ILE A 152 -27.05 9.42 -19.16
C ILE A 152 -28.08 8.91 -18.17
N CYS A 153 -27.61 8.30 -17.10
CA CYS A 153 -28.48 7.73 -16.07
C CYS A 153 -28.39 8.47 -14.75
N THR A 154 -29.54 8.73 -14.15
CA THR A 154 -29.61 9.34 -12.84
C THR A 154 -30.24 8.39 -11.83
N ALA A 155 -29.53 8.21 -10.71
CA ALA A 155 -30.01 7.40 -9.60
C ALA A 155 -30.04 8.28 -8.36
N GLU A 156 -30.82 7.86 -7.37
CA GLU A 156 -30.89 8.49 -6.08
C GLU A 156 -30.52 7.42 -5.10
N SER A 157 -29.49 7.69 -4.31
CA SER A 157 -28.98 6.70 -3.41
C SER A 157 -29.03 7.19 -2.01
N VAL A 158 -29.14 6.28 -1.06
CA VAL A 158 -28.94 6.62 0.37
C VAL A 158 -28.13 5.53 1.05
N ALA A 159 -27.49 5.88 2.13
CA ALA A 159 -26.67 4.89 2.83
C ALA A 159 -26.98 4.96 4.29
N LYS A 160 -27.18 3.80 4.88
CA LYS A 160 -27.53 3.76 6.26
C LYS A 160 -26.63 2.82 7.05
N VAL A 161 -26.45 3.22 8.32
CA VAL A 161 -25.73 2.45 9.30
C VAL A 161 -26.68 2.28 10.47
N ASP A 162 -26.94 1.02 10.80
CA ASP A 162 -27.93 0.60 11.76
C ASP A 162 -29.23 1.38 11.46
N GLY A 163 -29.68 1.24 10.20
CA GLY A 163 -30.87 1.90 9.66
C GLY A 163 -30.98 3.37 10.00
N GLN A 164 -29.86 4.03 10.26
CA GLN A 164 -29.88 5.46 10.44
C GLN A 164 -29.25 6.04 9.20
N ILE A 165 -29.81 7.14 8.73
CA ILE A 165 -29.31 7.76 7.52
C ILE A 165 -27.95 8.43 7.70
N VAL A 166 -26.97 7.96 6.92
CA VAL A 166 -25.60 8.43 7.01
C VAL A 166 -25.14 9.34 5.82
N CYS A 167 -25.76 9.17 4.66
CA CYS A 167 -25.45 9.95 3.47
C CYS A 167 -26.52 9.69 2.39
N SER A 168 -26.89 10.71 1.64
CA SER A 168 -27.73 10.52 0.44
C SER A 168 -27.18 11.33 -0.72
N ALA A 169 -27.45 10.86 -1.93
CA ALA A 169 -26.88 11.48 -3.12
C ALA A 169 -27.73 11.24 -4.33
N GLU A 170 -27.55 12.10 -5.33
CA GLU A 170 -28.06 11.92 -6.68
C GLU A 170 -26.85 11.71 -7.59
N LEU A 171 -26.78 10.59 -8.25
CA LEU A 171 -25.63 10.27 -9.11
C LEU A 171 -26.00 10.26 -10.56
N MET A 172 -25.21 10.93 -11.40
CA MET A 172 -25.29 10.78 -12.86
C MET A 172 -24.13 9.93 -13.39
N ALA A 173 -24.44 8.84 -14.06
CA ALA A 173 -23.42 8.04 -14.73
C ALA A 173 -23.68 8.05 -16.24
N ALA A 174 -22.59 8.08 -17.01
CA ALA A 174 -22.64 7.95 -18.46
C ALA A 174 -22.02 6.62 -18.91
N TYR A 175 -22.75 5.94 -19.80
CA TYR A 175 -22.40 4.61 -20.30
C TYR A 175 -21.36 4.76 -21.43
N LYS A 176 -20.14 5.12 -21.04
CA LYS A 176 -19.11 5.56 -21.99
C LYS A 176 -17.97 4.55 -22.17
N ASP A 177 -17.01 4.92 -23.03
CA ASP A 177 -15.77 4.19 -23.17
C ASP A 177 -14.63 5.10 -22.71
N ASN B 23 5.70 34.22 -1.08
CA ASN B 23 4.89 34.90 -0.03
C ASN B 23 3.58 34.16 0.20
N LYS B 24 2.84 33.93 -0.89
CA LYS B 24 1.52 33.29 -0.82
C LYS B 24 1.57 31.79 -1.11
N GLN B 25 2.75 31.18 -1.01
CA GLN B 25 2.88 29.76 -1.21
C GLN B 25 2.85 29.03 0.08
N ILE B 26 2.30 27.83 0.04
CA ILE B 26 2.38 26.89 1.15
C ILE B 26 2.77 25.50 0.60
N ASP B 27 3.88 24.99 1.09
CA ASP B 27 4.42 23.73 0.63
C ASP B 27 3.67 22.62 1.38
N VAL B 28 4.03 21.37 1.12
CA VAL B 28 3.28 20.29 1.66
C VAL B 28 3.36 20.25 3.18
N MET B 29 4.50 20.69 3.73
CA MET B 29 4.72 20.75 5.18
C MET B 29 3.87 21.82 5.84
N GLY B 30 3.72 22.96 5.16
CA GLY B 30 2.79 23.99 5.60
C GLY B 30 1.37 23.47 5.62
N ILE B 31 1.04 22.69 4.59
CA ILE B 31 -0.27 22.11 4.46
C ILE B 31 -0.50 21.08 5.55
N ARG B 32 0.54 20.39 6.01
CA ARG B 32 0.41 19.43 7.12
C ARG B 32 0.03 20.05 8.43
N LYS B 33 0.50 21.27 8.66
CA LYS B 33 0.16 22.00 9.84
C LYS B 33 -1.22 22.58 9.70
N ILE B 34 -1.72 22.77 8.49
CA ILE B 34 -3.06 23.29 8.40
C ILE B 34 -4.08 22.19 8.47
N LEU B 35 -3.85 21.01 7.88
CA LEU B 35 -4.90 19.95 7.90
C LEU B 35 -4.37 18.63 8.36
N PRO B 36 -5.21 17.82 9.05
CA PRO B 36 -4.78 16.55 9.64
C PRO B 36 -4.63 15.40 8.64
N HIS B 37 -5.23 15.56 7.47
CA HIS B 37 -5.13 14.54 6.41
C HIS B 37 -3.68 14.08 6.19
N ARG B 38 -3.46 12.78 6.12
CA ARG B 38 -2.19 12.22 5.69
C ARG B 38 -2.39 11.14 4.61
N TYR B 39 -1.28 10.60 4.12
CA TYR B 39 -1.32 9.54 3.17
C TYR B 39 -2.15 8.39 3.70
N PRO B 40 -3.10 7.85 2.87
CA PRO B 40 -3.34 8.14 1.47
C PRO B 40 -4.46 9.14 1.20
N PHE B 41 -4.84 9.98 2.16
CA PHE B 41 -5.87 10.96 1.83
C PHE B 41 -5.41 12.39 1.86
N ALA B 42 -4.11 12.57 1.74
CA ALA B 42 -3.56 13.89 1.51
C ALA B 42 -3.40 14.03 0.01
N LEU B 43 -4.24 14.86 -0.55
CA LEU B 43 -4.34 14.99 -1.96
C LEU B 43 -4.09 16.38 -2.44
N LEU B 44 -3.13 17.04 -1.82
CA LEU B 44 -2.66 18.36 -2.28
C LEU B 44 -1.14 18.40 -2.09
N ASP B 45 -0.43 19.01 -3.03
CA ASP B 45 1.02 19.06 -2.96
C ASP B 45 1.47 20.41 -2.49
N LYS B 46 0.75 21.45 -2.88
CA LYS B 46 1.14 22.79 -2.52
C LYS B 46 0.01 23.76 -2.81
N ILE B 47 0.01 24.87 -2.06
CA ILE B 47 -0.84 26.02 -2.38
C ILE B 47 0.00 26.96 -3.21
N VAL B 48 -0.56 27.45 -4.30
CA VAL B 48 0.14 28.33 -5.24
C VAL B 48 -0.10 29.83 -4.92
N ASP B 49 -1.33 30.16 -4.51
CA ASP B 49 -1.70 31.48 -4.10
C ASP B 49 -2.95 31.36 -3.24
N TRP B 50 -3.17 32.37 -2.41
CA TRP B 50 -4.42 32.50 -1.66
C TRP B 50 -4.67 33.95 -1.28
N SER B 51 -5.86 34.24 -0.80
CA SER B 51 -6.25 35.58 -0.44
C SER B 51 -7.50 35.51 0.41
N VAL B 52 -7.29 35.79 1.68
CA VAL B 52 -8.37 35.98 2.63
C VAL B 52 -9.24 37.17 2.19
N GLU B 53 -8.60 38.08 1.48
CA GLU B 53 -9.18 39.30 1.02
C GLU B 53 -10.22 39.00 -0.10
N ASP B 54 -9.81 38.32 -1.17
CA ASP B 54 -10.75 37.88 -2.21
C ASP B 54 -11.46 36.58 -1.84
N ARG B 55 -11.00 35.93 -0.76
CA ARG B 55 -11.53 34.63 -0.31
C ARG B 55 -11.39 33.54 -1.38
N THR B 56 -10.24 33.51 -2.07
CA THR B 56 -9.95 32.49 -3.06
C THR B 56 -8.64 31.83 -2.72
N ILE B 57 -8.44 30.65 -3.31
CA ILE B 57 -7.23 29.85 -3.17
C ILE B 57 -6.96 29.03 -4.43
N VAL B 58 -5.67 28.88 -4.74
CA VAL B 58 -5.18 28.12 -5.87
C VAL B 58 -4.18 27.06 -5.36
N ALA B 59 -4.51 25.79 -5.57
CA ALA B 59 -3.76 24.66 -5.02
C ALA B 59 -3.37 23.77 -6.18
N GLN B 60 -2.42 22.87 -5.97
CA GLN B 60 -1.98 21.99 -7.06
C GLN B 60 -1.75 20.55 -6.56
N LYS B 61 -2.29 19.60 -7.30
CA LYS B 61 -2.10 18.18 -7.05
C LYS B 61 -1.51 17.61 -8.31
N ASN B 62 -0.38 16.94 -8.18
CA ASN B 62 0.23 16.27 -9.31
C ASN B 62 -0.29 14.84 -9.34
N VAL B 63 -0.62 14.38 -10.53
CA VAL B 63 -1.18 13.08 -10.79
C VAL B 63 -0.14 12.22 -11.45
N THR B 64 0.17 11.08 -10.82
CA THR B 64 1.21 10.19 -11.28
C THR B 64 0.76 8.72 -11.16
N ILE B 65 1.25 7.90 -12.08
CA ILE B 65 0.96 6.46 -12.10
C ILE B 65 1.32 5.74 -10.82
N ASN B 66 2.20 6.36 -10.05
CA ASN B 66 2.71 5.73 -8.85
C ASN B 66 1.90 6.19 -7.62
N GLU B 67 0.60 6.43 -7.81
CA GLU B 67 -0.37 6.46 -6.74
C GLU B 67 -1.17 5.14 -6.77
N ASP B 68 -1.50 4.61 -5.60
CA ASP B 68 -2.03 3.27 -5.46
C ASP B 68 -3.45 3.10 -6.05
N PHE B 69 -4.24 4.14 -6.00
CA PHE B 69 -5.58 4.03 -6.52
C PHE B 69 -5.62 3.74 -8.00
N PHE B 70 -4.51 4.02 -8.69
CA PHE B 70 -4.42 3.76 -10.13
C PHE B 70 -4.35 2.28 -10.44
N ASN B 71 -3.92 1.49 -9.46
CA ASN B 71 -3.94 0.03 -9.60
C ASN B 71 -5.38 -0.56 -9.73
N GLY B 72 -6.38 0.07 -9.12
CA GLY B 72 -7.74 -0.45 -9.06
C GLY B 72 -8.75 0.35 -9.92
N HIS B 73 -8.30 1.48 -10.48
CA HIS B 73 -9.16 2.40 -11.19
C HIS B 73 -8.42 2.96 -12.41
N PHE B 74 -8.25 2.17 -13.48
CA PHE B 74 -8.63 0.76 -13.60
C PHE B 74 -7.41 0.01 -13.99
N PRO B 75 -7.35 -1.28 -13.65
CA PRO B 75 -6.20 -2.08 -14.09
C PRO B 75 -5.73 -1.89 -15.54
N ASP B 76 -6.63 -1.71 -16.47
CA ASP B 76 -6.21 -1.57 -17.87
C ASP B 76 -6.29 -0.15 -18.38
N PHE B 77 -6.84 0.74 -17.59
CA PHE B 77 -6.94 2.12 -17.96
C PHE B 77 -6.90 3.00 -16.70
N PRO B 78 -5.70 3.49 -16.34
CA PRO B 78 -5.68 4.30 -15.11
C PRO B 78 -6.27 5.69 -15.34
N VAL B 79 -7.30 6.03 -14.59
CA VAL B 79 -7.91 7.34 -14.66
C VAL B 79 -8.23 7.69 -13.24
N MET B 80 -8.18 8.96 -12.93
CA MET B 80 -8.33 9.35 -11.53
C MET B 80 -9.80 9.38 -11.19
N PRO B 81 -10.19 8.73 -10.08
CA PRO B 81 -11.58 8.71 -9.73
C PRO B 81 -12.15 10.10 -9.45
N GLY B 82 -13.41 10.29 -9.86
CA GLY B 82 -14.03 11.58 -9.88
C GLY B 82 -14.15 12.02 -8.48
N VAL B 83 -14.50 11.10 -7.59
CA VAL B 83 -14.57 11.41 -6.16
C VAL B 83 -13.27 11.96 -5.60
N LEU B 84 -12.13 11.46 -6.07
CA LEU B 84 -10.86 11.97 -5.60
C LEU B 84 -10.57 13.39 -6.11
N ILE B 85 -10.97 13.71 -7.32
CA ILE B 85 -10.80 15.10 -7.74
C ILE B 85 -11.63 16.01 -6.81
N VAL B 86 -12.89 15.63 -6.59
CA VAL B 86 -13.69 16.31 -5.62
C VAL B 86 -13.00 16.40 -4.28
N GLU B 87 -12.47 15.29 -3.77
CA GLU B 87 -11.81 15.38 -2.44
C GLU B 87 -10.62 16.35 -2.49
N ALA B 88 -9.93 16.43 -3.61
CA ALA B 88 -8.88 17.41 -3.73
C ALA B 88 -9.42 18.84 -3.59
N MET B 89 -10.60 19.07 -4.14
CA MET B 89 -11.18 20.40 -4.15
C MET B 89 -11.66 20.76 -2.77
N ALA B 90 -12.20 19.77 -2.03
CA ALA B 90 -12.66 19.99 -0.67
C ALA B 90 -11.48 20.25 0.26
N GLN B 91 -10.34 19.62 0.05
CA GLN B 91 -9.20 19.89 0.91
C GLN B 91 -8.70 21.30 0.66
N ALA B 92 -8.73 21.74 -0.58
CA ALA B 92 -8.32 23.10 -0.89
C ALA B 92 -9.28 24.08 -0.24
N THR B 93 -10.55 23.68 -0.14
CA THR B 93 -11.58 24.54 0.41
C THR B 93 -11.40 24.61 1.93
N ALA B 94 -11.18 23.46 2.56
CA ALA B 94 -10.89 23.41 3.97
C ALA B 94 -9.67 24.28 4.36
N ILE B 95 -8.65 24.28 3.51
CA ILE B 95 -7.47 25.14 3.74
C ILE B 95 -7.87 26.61 3.67
N LEU B 96 -8.68 26.97 2.67
CA LEU B 96 -9.11 28.35 2.51
C LEU B 96 -9.85 28.78 3.75
N GLY B 97 -10.86 28.01 4.13
CA GLY B 97 -11.54 28.14 5.41
C GLY B 97 -10.61 28.37 6.60
N GLU B 98 -9.58 27.56 6.75
CA GLU B 98 -8.66 27.72 7.89
C GLU B 98 -7.89 29.02 7.81
N LEU B 99 -7.51 29.39 6.60
CA LEU B 99 -6.81 30.65 6.36
C LEU B 99 -7.69 31.86 6.70
N MET B 100 -9.00 31.66 6.58
CA MET B 100 -9.99 32.69 6.78
C MET B 100 -10.56 32.65 8.18
N ALA B 101 -10.26 31.61 8.95
CA ALA B 101 -10.87 31.39 10.27
C ALA B 101 -10.86 32.61 11.18
N GLU B 102 -9.68 33.15 11.43
CA GLU B 102 -9.57 34.33 12.26
C GLU B 102 -10.65 35.35 11.86
N THR B 103 -10.82 35.60 10.55
CA THR B 103 -11.77 36.60 10.07
C THR B 103 -13.11 36.03 9.60
N LEU B 104 -13.54 34.88 10.14
CA LEU B 104 -14.92 34.38 9.98
C LEU B 104 -15.57 34.06 11.33
N PHE B 105 -14.76 34.06 12.40
CA PHE B 105 -15.21 33.58 13.71
C PHE B 105 -14.58 34.38 14.85
N THR B 118 -12.17 21.38 13.34
CA THR B 118 -11.74 21.33 11.93
C THR B 118 -12.91 21.30 10.89
N PHE B 119 -12.62 21.79 9.68
CA PHE B 119 -13.61 21.83 8.61
C PHE B 119 -13.91 20.45 8.03
N MET B 120 -15.15 20.01 8.14
CA MET B 120 -15.58 18.71 7.61
C MET B 120 -16.62 18.82 6.47
N LEU B 121 -16.50 17.91 5.52
CA LEU B 121 -17.28 17.99 4.33
C LEU B 121 -18.72 17.58 4.64
N ALA B 122 -19.62 18.55 4.69
CA ALA B 122 -21.04 18.31 4.95
C ALA B 122 -21.86 18.14 3.66
N GLY B 123 -21.51 18.89 2.63
CA GLY B 123 -22.32 18.94 1.41
C GLY B 123 -21.50 18.94 0.15
N ILE B 124 -22.01 18.25 -0.87
CA ILE B 124 -21.46 18.31 -2.21
C ILE B 124 -22.61 18.55 -3.13
N ASP B 125 -22.49 19.51 -4.04
CA ASP B 125 -23.52 19.76 -5.04
C ASP B 125 -22.94 20.12 -6.38
N LYS B 126 -23.73 19.89 -7.43
CA LYS B 126 -23.40 20.35 -8.77
C LYS B 126 -22.05 19.87 -9.29
N VAL B 127 -21.78 18.60 -9.12
CA VAL B 127 -20.49 18.14 -9.56
C VAL B 127 -20.61 17.74 -11.00
N ARG B 128 -19.76 18.32 -11.83
CA ARG B 128 -19.65 17.95 -13.23
C ARG B 128 -18.24 17.50 -13.51
N VAL B 129 -18.15 16.29 -14.04
CA VAL B 129 -16.90 15.69 -14.41
C VAL B 129 -16.81 15.83 -15.89
N LYS B 130 -15.86 16.63 -16.37
CA LYS B 130 -15.86 17.12 -17.75
C LYS B 130 -14.88 16.40 -18.66
N ARG B 131 -13.70 16.05 -18.16
CA ARG B 131 -12.72 15.27 -18.92
C ARG B 131 -12.03 14.28 -18.00
N PRO B 132 -11.48 13.20 -18.56
CA PRO B 132 -10.74 12.24 -17.75
C PRO B 132 -9.38 12.81 -17.42
N VAL B 133 -8.90 12.56 -16.21
CA VAL B 133 -7.61 13.01 -15.75
C VAL B 133 -6.71 11.78 -15.58
N VAL B 134 -5.50 11.83 -16.14
CA VAL B 134 -4.66 10.65 -16.19
C VAL B 134 -3.28 10.97 -15.67
N PRO B 135 -2.45 9.93 -15.44
CA PRO B 135 -1.12 10.18 -14.99
C PRO B 135 -0.38 11.18 -15.86
N GLY B 136 0.38 12.06 -15.22
CA GLY B 136 1.13 13.09 -15.93
C GLY B 136 0.37 14.41 -16.05
N ASP B 137 -0.89 14.42 -15.66
CA ASP B 137 -1.61 15.65 -15.61
C ASP B 137 -1.27 16.37 -14.30
N VAL B 138 -1.05 17.69 -14.42
CA VAL B 138 -0.96 18.58 -13.26
C VAL B 138 -2.34 19.21 -13.04
N LEU B 139 -2.97 18.85 -11.93
CA LEU B 139 -4.32 19.30 -11.52
C LEU B 139 -4.16 20.63 -10.73
N VAL B 140 -4.69 21.72 -11.26
CA VAL B 140 -4.62 23.04 -10.59
C VAL B 140 -5.99 23.23 -10.10
N ILE B 141 -6.15 23.64 -8.85
CA ILE B 141 -7.46 23.64 -8.20
C ILE B 141 -7.73 25.02 -7.64
N GLU B 142 -8.86 25.58 -8.05
CA GLU B 142 -9.25 26.94 -7.66
C GLU B 142 -10.48 26.81 -6.83
N SER B 143 -10.48 27.44 -5.66
CA SER B 143 -11.69 27.46 -4.88
C SER B 143 -11.99 28.87 -4.36
N ARG B 144 -13.26 29.25 -4.40
CA ARG B 144 -13.70 30.55 -3.98
C ARG B 144 -14.86 30.43 -2.98
N MET B 145 -14.63 30.92 -1.78
CA MET B 145 -15.67 30.88 -0.74
C MET B 145 -16.81 31.87 -1.02
N VAL B 146 -18.05 31.39 -1.10
CA VAL B 146 -19.21 32.23 -1.42
C VAL B 146 -20.14 32.51 -0.24
N LYS B 147 -20.35 31.53 0.65
CA LYS B 147 -21.23 31.75 1.81
C LYS B 147 -20.60 31.44 3.16
N GLN B 148 -20.89 32.30 4.13
CA GLN B 148 -20.62 32.07 5.53
C GLN B 148 -21.98 32.03 6.23
N LYS B 149 -22.34 30.92 6.88
CA LYS B 149 -23.65 30.80 7.54
C LYS B 149 -23.63 29.97 8.81
N ASN B 150 -22.92 30.48 9.81
CA ASN B 150 -22.95 29.93 11.18
C ASN B 150 -22.35 28.50 11.25
N ILE B 151 -21.01 28.43 11.30
CA ILE B 151 -20.24 27.17 11.38
C ILE B 151 -20.21 26.40 10.03
N ILE B 152 -20.98 26.87 9.04
CA ILE B 152 -21.15 26.22 7.76
C ILE B 152 -20.60 27.16 6.68
N CYS B 153 -19.62 26.70 5.89
CA CYS B 153 -19.09 27.47 4.78
C CYS B 153 -19.33 26.77 3.46
N THR B 154 -19.27 27.53 2.38
CA THR B 154 -19.79 27.09 1.09
C THR B 154 -18.99 27.66 -0.07
N ALA B 155 -18.44 26.77 -0.92
CA ALA B 155 -17.54 27.23 -1.98
C ALA B 155 -17.89 26.81 -3.37
N GLU B 156 -17.39 27.57 -4.32
CA GLU B 156 -17.35 27.13 -5.70
C GLU B 156 -15.92 26.79 -5.99
N SER B 157 -15.75 25.76 -6.81
CA SER B 157 -14.45 25.18 -6.99
C SER B 157 -14.38 24.49 -8.34
N VAL B 158 -13.25 24.68 -9.02
CA VAL B 158 -13.02 24.05 -10.28
C VAL B 158 -11.62 23.40 -10.24
N ALA B 159 -11.44 22.27 -10.91
CA ALA B 159 -10.11 21.73 -11.12
C ALA B 159 -9.82 21.76 -12.58
N LYS B 160 -8.58 22.08 -12.92
CA LYS B 160 -8.16 22.26 -14.29
C LYS B 160 -6.93 21.46 -14.62
N VAL B 161 -6.84 21.10 -15.89
CA VAL B 161 -5.64 20.52 -16.46
C VAL B 161 -5.26 21.31 -17.75
N ASP B 162 -4.05 21.85 -17.80
CA ASP B 162 -3.63 22.70 -18.90
C ASP B 162 -4.65 23.82 -19.17
N GLY B 163 -5.14 24.43 -18.07
CA GLY B 163 -6.02 25.56 -18.13
C GLY B 163 -7.45 25.23 -18.52
N GLN B 164 -7.73 23.97 -18.86
CA GLN B 164 -9.12 23.57 -19.15
C GLN B 164 -9.74 22.83 -17.99
N ILE B 165 -11.06 22.91 -17.94
CA ILE B 165 -11.81 22.42 -16.81
C ILE B 165 -12.09 20.96 -16.91
N VAL B 166 -11.73 20.24 -15.85
CA VAL B 166 -11.96 18.83 -15.80
C VAL B 166 -13.09 18.55 -14.84
N CYS B 167 -13.42 19.50 -13.98
CA CYS B 167 -14.45 19.23 -12.97
C CYS B 167 -14.82 20.49 -12.22
N SER B 168 -16.09 20.66 -11.88
CA SER B 168 -16.54 21.76 -11.05
C SER B 168 -17.52 21.28 -9.99
N ALA B 169 -17.63 22.04 -8.93
CA ALA B 169 -18.44 21.64 -7.79
C ALA B 169 -18.68 22.85 -6.91
N GLU B 170 -19.82 22.83 -6.23
CA GLU B 170 -20.04 23.62 -5.03
C GLU B 170 -19.86 22.74 -3.80
N LEU B 171 -19.10 23.17 -2.80
CA LEU B 171 -18.85 22.35 -1.61
C LEU B 171 -19.31 23.03 -0.36
N MET B 172 -19.73 22.23 0.62
CA MET B 172 -20.32 22.74 1.85
C MET B 172 -19.54 22.09 2.96
N ALA B 173 -18.66 22.85 3.59
CA ALA B 173 -17.90 22.37 4.72
C ALA B 173 -18.55 22.92 5.97
N ALA B 174 -18.37 22.22 7.08
CA ALA B 174 -18.85 22.67 8.37
C ALA B 174 -17.73 22.53 9.40
N TYR B 175 -17.42 23.62 10.10
CA TYR B 175 -16.30 23.67 11.09
C TYR B 175 -16.71 22.99 12.39
N LYS B 176 -16.19 21.80 12.70
CA LYS B 176 -16.66 21.06 13.90
C LYS B 176 -15.64 20.12 14.58
N ASP B 177 -15.70 20.09 15.92
CA ASP B 177 -14.70 19.41 16.76
C ASP B 177 -15.26 18.12 17.30
N ASN C 22 3.10 15.83 -31.31
CA ASN C 22 1.86 15.10 -30.93
C ASN C 22 1.89 13.67 -31.44
N ASN C 23 2.28 13.51 -32.71
CA ASN C 23 2.70 12.20 -33.25
C ASN C 23 3.85 11.55 -32.44
N LYS C 24 4.42 12.30 -31.48
CA LYS C 24 5.57 11.86 -30.70
C LYS C 24 5.31 11.83 -29.18
N GLN C 25 4.06 11.62 -28.79
CA GLN C 25 3.69 11.49 -27.38
C GLN C 25 3.39 10.03 -27.10
N ILE C 26 3.64 9.58 -25.88
CA ILE C 26 3.31 8.23 -25.45
C ILE C 26 2.83 8.31 -23.99
N ASP C 27 1.61 7.91 -23.77
CA ASP C 27 1.02 8.00 -22.45
C ASP C 27 1.46 6.80 -21.58
N VAL C 28 0.90 6.67 -20.38
CA VAL C 28 1.35 5.64 -19.51
C VAL C 28 1.02 4.26 -20.06
N MET C 29 -0.18 4.04 -20.58
CA MET C 29 -0.53 2.77 -21.27
C MET C 29 0.40 2.44 -22.46
N GLY C 30 0.94 3.43 -23.14
CA GLY C 30 2.01 3.15 -24.12
C GLY C 30 3.33 2.74 -23.46
N ILE C 31 3.74 3.47 -22.42
CA ILE C 31 4.95 3.10 -21.68
C ILE C 31 4.86 1.63 -21.25
N ARG C 32 3.69 1.18 -20.76
CA ARG C 32 3.49 -0.22 -20.36
C ARG C 32 3.82 -1.25 -21.44
N LYS C 33 3.47 -0.97 -22.69
CA LYS C 33 3.78 -1.88 -23.80
C LYS C 33 5.26 -1.94 -24.07
N ILE C 34 5.99 -0.94 -23.65
CA ILE C 34 7.42 -0.92 -23.93
C ILE C 34 8.23 -1.50 -22.77
N LEU C 35 7.87 -1.16 -21.55
CA LEU C 35 8.67 -1.51 -20.37
C LEU C 35 7.82 -2.38 -19.47
N PRO C 36 8.42 -3.41 -18.83
CA PRO C 36 7.64 -4.27 -17.90
C PRO C 36 7.43 -3.67 -16.51
N HIS C 37 8.17 -2.62 -16.17
CA HIS C 37 8.05 -2.00 -14.85
C HIS C 37 6.60 -1.73 -14.57
N ARG C 38 6.14 -2.05 -13.39
CA ARG C 38 4.75 -1.77 -13.03
C ARG C 38 4.83 -1.20 -11.59
N TYR C 39 3.71 -0.87 -10.97
CA TYR C 39 3.68 -0.28 -9.61
C TYR C 39 4.29 -1.18 -8.57
N PRO C 40 5.08 -0.64 -7.60
CA PRO C 40 5.53 0.77 -7.30
C PRO C 40 6.80 1.19 -7.98
N PHE C 41 7.24 0.42 -8.96
CA PHE C 41 8.44 0.84 -9.69
C PHE C 41 8.20 1.30 -11.10
N ALA C 42 6.99 1.80 -11.39
CA ALA C 42 6.78 2.51 -12.65
C ALA C 42 6.96 3.98 -12.31
N LEU C 43 7.99 4.59 -12.88
CA LEU C 43 8.38 5.91 -12.47
C LEU C 43 8.43 6.95 -13.56
N LEU C 44 7.64 6.76 -14.61
CA LEU C 44 7.45 7.79 -15.63
C LEU C 44 5.97 7.91 -15.94
N ASP C 45 5.47 9.11 -16.12
CA ASP C 45 4.07 9.29 -16.40
C ASP C 45 3.78 9.26 -17.91
N LYS C 46 4.70 9.79 -18.70
CA LYS C 46 4.55 9.85 -20.14
C LYS C 46 5.81 10.30 -20.81
N ILE C 47 5.86 10.05 -22.11
CA ILE C 47 6.95 10.48 -22.95
C ILE C 47 6.42 11.67 -23.73
N VAL C 48 7.15 12.76 -23.62
CA VAL C 48 6.77 14.04 -24.19
C VAL C 48 7.35 14.23 -25.62
N ASP C 49 8.53 13.68 -25.89
CA ASP C 49 9.15 13.88 -27.21
C ASP C 49 10.24 12.88 -27.36
N TRP C 50 10.68 12.69 -28.59
CA TRP C 50 11.81 11.78 -28.89
C TRP C 50 12.23 11.91 -30.33
N SER C 51 13.53 11.91 -30.55
CA SER C 51 14.08 11.84 -31.89
C SER C 51 14.90 10.56 -32.04
N VAL C 52 14.42 9.70 -32.92
CA VAL C 52 15.21 8.54 -33.36
C VAL C 52 16.49 9.00 -34.09
N GLU C 53 16.42 10.14 -34.79
CA GLU C 53 17.60 10.69 -35.46
C GLU C 53 18.60 11.32 -34.49
N ASP C 54 18.15 12.15 -33.57
CA ASP C 54 19.09 12.81 -32.66
C ASP C 54 19.52 11.88 -31.54
N ARG C 55 18.77 10.79 -31.36
CA ARG C 55 18.98 9.84 -30.27
C ARG C 55 18.60 10.46 -28.93
N THR C 56 17.42 11.09 -28.89
CA THR C 56 16.93 11.79 -27.70
C THR C 56 15.54 11.35 -27.29
N ILE C 57 15.25 11.60 -26.03
CA ILE C 57 13.92 11.42 -25.50
C ILE C 57 13.70 12.47 -24.40
N VAL C 58 12.47 12.93 -24.29
CA VAL C 58 12.08 13.73 -23.16
C VAL C 58 10.82 13.14 -22.55
N ALA C 59 10.91 12.79 -21.28
CA ALA C 59 9.81 12.20 -20.54
C ALA C 59 9.43 13.08 -19.31
N GLN C 60 8.33 12.73 -18.66
CA GLN C 60 7.90 13.45 -17.48
C GLN C 60 7.49 12.50 -16.36
N LYS C 61 7.79 12.90 -15.13
CA LYS C 61 7.35 12.14 -13.98
C LYS C 61 6.88 13.10 -12.93
N ASN C 62 5.57 13.17 -12.70
CA ASN C 62 5.06 14.03 -11.64
C ASN C 62 5.31 13.39 -10.31
N VAL C 63 5.50 14.26 -9.33
CA VAL C 63 5.89 13.89 -7.99
C VAL C 63 4.85 14.39 -7.05
N THR C 64 4.33 13.51 -6.21
CA THR C 64 3.25 13.91 -5.36
C THR C 64 3.29 13.25 -3.98
N ILE C 65 2.72 13.97 -3.01
CA ILE C 65 2.68 13.52 -1.64
C ILE C 65 2.03 12.16 -1.53
N ASN C 66 1.16 11.85 -2.46
CA ASN C 66 0.49 10.55 -2.43
C ASN C 66 1.35 9.38 -2.97
N GLU C 67 2.69 9.48 -2.93
CA GLU C 67 3.56 8.39 -3.30
C GLU C 67 4.12 7.83 -2.01
N ASP C 68 4.12 6.53 -1.86
CA ASP C 68 4.33 5.85 -0.64
C ASP C 68 5.75 6.06 -0.08
N PHE C 69 6.77 6.16 -0.94
CA PHE C 69 8.14 6.37 -0.46
C PHE C 69 8.25 7.67 0.36
N PHE C 70 7.36 8.60 0.13
CA PHE C 70 7.40 9.81 0.91
C PHE C 70 7.02 9.61 2.37
N ASN C 71 6.37 8.49 2.71
CA ASN C 71 6.09 8.23 4.13
C ASN C 71 7.31 7.74 4.88
N GLY C 72 8.34 7.36 4.16
CA GLY C 72 9.54 6.83 4.77
C GLY C 72 10.76 7.70 4.55
N HIS C 73 10.62 8.74 3.73
CA HIS C 73 11.73 9.49 3.17
C HIS C 73 11.35 10.93 2.92
N PHE C 74 11.22 11.73 3.99
CA PHE C 74 11.33 11.29 5.39
C PHE C 74 10.03 11.58 6.06
N PRO C 75 9.70 10.82 7.13
CA PRO C 75 8.47 11.08 7.84
C PRO C 75 8.19 12.56 8.13
N ASP C 76 9.18 13.29 8.62
CA ASP C 76 9.01 14.70 8.93
C ASP C 76 9.50 15.62 7.82
N PHE C 77 10.07 15.07 6.75
CA PHE C 77 10.38 15.87 5.58
C PHE C 77 10.37 15.06 4.27
N PRO C 78 9.34 15.29 3.42
CA PRO C 78 9.26 14.53 2.19
C PRO C 78 10.10 15.05 1.05
N VAL C 79 11.02 14.20 0.60
CA VAL C 79 11.95 14.57 -0.45
C VAL C 79 12.23 13.30 -1.26
N MET C 80 12.39 13.40 -2.56
CA MET C 80 12.45 12.20 -3.37
C MET C 80 13.80 11.54 -3.24
N PRO C 81 13.83 10.26 -2.88
CA PRO C 81 15.10 9.59 -2.95
C PRO C 81 15.81 9.79 -4.31
N GLY C 82 17.10 10.06 -4.24
CA GLY C 82 17.88 10.43 -5.39
C GLY C 82 18.11 9.22 -6.23
N VAL C 83 18.11 8.07 -5.60
CA VAL C 83 18.09 6.82 -6.35
C VAL C 83 16.85 6.63 -7.24
N LEU C 84 15.70 7.12 -6.79
CA LEU C 84 14.47 7.07 -7.55
C LEU C 84 14.51 8.06 -8.73
N ILE C 85 15.16 9.21 -8.54
CA ILE C 85 15.30 10.12 -9.69
C ILE C 85 16.15 9.38 -10.70
N VAL C 86 17.24 8.81 -10.20
CA VAL C 86 18.10 8.00 -11.06
C VAL C 86 17.34 6.88 -11.74
N GLU C 87 16.40 6.26 -11.05
CA GLU C 87 15.66 5.14 -11.67
C GLU C 87 14.71 5.65 -12.75
N ALA C 88 14.12 6.82 -12.54
CA ALA C 88 13.29 7.45 -13.58
C ALA C 88 14.10 7.80 -14.82
N MET C 89 15.31 8.26 -14.61
CA MET C 89 16.15 8.53 -15.75
C MET C 89 16.41 7.27 -16.55
N ALA C 90 16.62 6.17 -15.84
CA ALA C 90 17.12 4.98 -16.46
C ALA C 90 16.01 4.37 -17.31
N GLN C 91 14.76 4.49 -16.83
CA GLN C 91 13.56 4.05 -17.57
C GLN C 91 13.38 4.85 -18.86
N ALA C 92 13.43 6.17 -18.73
CA ALA C 92 13.48 7.02 -19.89
C ALA C 92 14.54 6.51 -20.85
N THR C 93 15.72 6.21 -20.33
CA THR C 93 16.84 5.83 -21.16
C THR C 93 16.52 4.47 -21.85
N ALA C 94 15.85 3.58 -21.11
CA ALA C 94 15.49 2.27 -21.63
C ALA C 94 14.36 2.34 -22.69
N ILE C 95 13.46 3.30 -22.57
CA ILE C 95 12.48 3.51 -23.61
C ILE C 95 13.13 4.01 -24.92
N LEU C 96 14.21 4.78 -24.79
CA LEU C 96 14.77 5.41 -25.95
C LEU C 96 15.53 4.34 -26.69
N GLY C 97 16.33 3.61 -25.93
CA GLY C 97 16.94 2.39 -26.42
C GLY C 97 15.93 1.46 -27.09
N GLU C 98 14.83 1.16 -26.45
CA GLU C 98 13.80 0.38 -27.10
C GLU C 98 13.46 1.00 -28.45
N LEU C 99 13.20 2.32 -28.51
CA LEU C 99 12.75 3.01 -29.76
C LEU C 99 13.79 3.09 -30.89
N MET C 100 15.06 3.08 -30.52
CA MET C 100 16.14 3.05 -31.46
C MET C 100 16.28 1.66 -32.08
N ALA C 101 16.42 0.65 -31.22
CA ALA C 101 16.36 -0.76 -31.64
C ALA C 101 15.39 -0.92 -32.82
N THR C 118 14.49 -7.06 -22.39
CA THR C 118 14.58 -5.60 -22.18
C THR C 118 15.94 -5.11 -21.60
N PHE C 119 16.27 -3.84 -21.88
CA PHE C 119 17.47 -3.18 -21.33
C PHE C 119 17.53 -3.26 -19.81
N MET C 120 18.65 -3.73 -19.26
CA MET C 120 18.86 -3.70 -17.82
C MET C 120 20.00 -2.75 -17.44
N LEU C 121 19.98 -2.35 -16.18
CA LEU C 121 20.87 -1.34 -15.66
C LEU C 121 22.30 -1.81 -15.37
N ALA C 122 23.12 -1.92 -16.41
CA ALA C 122 24.49 -2.45 -16.32
C ALA C 122 25.43 -1.57 -15.47
N GLY C 123 25.39 -0.26 -15.73
CA GLY C 123 26.18 0.72 -14.96
C GLY C 123 25.56 2.08 -14.72
N ILE C 124 26.00 2.73 -13.64
CA ILE C 124 25.60 4.09 -13.35
C ILE C 124 26.86 4.82 -13.03
N ASP C 125 27.20 5.85 -13.81
CA ASP C 125 28.33 6.70 -13.48
C ASP C 125 27.98 8.17 -13.50
N LYS C 126 28.81 8.93 -12.76
CA LYS C 126 28.79 10.39 -12.70
C LYS C 126 27.48 10.94 -12.23
N VAL C 127 26.95 10.40 -11.14
CA VAL C 127 25.64 10.87 -10.66
C VAL C 127 25.80 12.04 -9.72
N ARG C 128 25.29 13.19 -10.15
CA ARG C 128 25.23 14.40 -9.33
C ARG C 128 23.80 14.64 -8.92
N VAL C 129 23.55 14.54 -7.63
CA VAL C 129 22.26 14.95 -7.07
C VAL C 129 22.43 16.35 -6.52
N LYS C 130 21.85 17.30 -7.22
CA LYS C 130 22.03 18.70 -6.91
C LYS C 130 20.91 19.20 -5.99
N ARG C 131 19.70 19.42 -6.53
CA ARG C 131 18.58 19.92 -5.72
C ARG C 131 17.68 18.79 -5.22
N PRO C 132 17.04 19.00 -4.06
CA PRO C 132 16.03 18.10 -3.54
C PRO C 132 14.73 18.33 -4.26
N VAL C 133 13.98 17.24 -4.40
CA VAL C 133 12.73 17.17 -5.16
C VAL C 133 11.65 16.82 -4.14
N VAL C 134 10.58 17.61 -4.14
CA VAL C 134 9.57 17.49 -3.05
C VAL C 134 8.22 17.41 -3.74
N PRO C 135 7.18 17.06 -3.01
CA PRO C 135 5.87 17.04 -3.64
C PRO C 135 5.51 18.33 -4.36
N GLY C 136 4.77 18.22 -5.44
CA GLY C 136 4.42 19.40 -6.22
C GLY C 136 5.34 19.69 -7.42
N ASP C 137 6.56 19.17 -7.45
CA ASP C 137 7.41 19.40 -8.60
C ASP C 137 7.10 18.45 -9.67
N VAL C 138 7.40 18.89 -10.88
CA VAL C 138 7.34 18.12 -12.11
C VAL C 138 8.74 17.83 -12.61
N LEU C 139 9.13 16.56 -12.60
CA LEU C 139 10.43 16.12 -13.16
C LEU C 139 10.35 16.03 -14.67
N VAL C 140 11.09 16.89 -15.37
CA VAL C 140 11.24 16.71 -16.83
C VAL C 140 12.57 16.00 -17.02
N ILE C 141 12.59 14.97 -17.85
CA ILE C 141 13.75 14.09 -17.96
C ILE C 141 14.14 14.02 -19.41
N GLU C 142 15.42 14.18 -19.64
CA GLU C 142 15.91 14.26 -20.94
C GLU C 142 17.01 13.22 -20.97
N SER C 143 16.96 12.34 -21.97
CA SER C 143 18.02 11.35 -22.17
C SER C 143 18.58 11.43 -23.60
N ARG C 144 19.89 11.22 -23.71
CA ARG C 144 20.63 11.39 -24.94
C ARG C 144 21.55 10.16 -25.08
N MET C 145 21.33 9.35 -26.11
CA MET C 145 22.17 8.17 -26.34
C MET C 145 23.51 8.56 -26.92
N VAL C 146 24.55 8.50 -26.11
CA VAL C 146 25.86 9.03 -26.48
C VAL C 146 26.63 7.99 -27.32
N LYS C 147 26.90 6.80 -26.77
CA LYS C 147 27.59 5.71 -27.49
C LYS C 147 26.86 4.35 -27.36
N GLN C 148 27.34 3.36 -28.12
CA GLN C 148 26.93 1.95 -27.94
C GLN C 148 28.14 1.00 -28.04
N LYS C 149 28.04 -0.16 -27.39
CA LYS C 149 29.07 -1.19 -27.47
C LYS C 149 28.46 -2.56 -27.28
N ASN C 150 27.82 -3.07 -28.34
CA ASN C 150 27.07 -4.36 -28.33
C ASN C 150 26.19 -4.59 -27.08
N ILE C 151 24.86 -4.60 -27.26
CA ILE C 151 23.86 -4.69 -26.17
C ILE C 151 24.03 -3.61 -25.06
N ILE C 152 25.24 -3.49 -24.50
CA ILE C 152 25.60 -2.40 -23.56
C ILE C 152 25.47 -1.04 -24.25
N CYS C 153 24.70 -0.13 -23.67
CA CYS C 153 24.53 1.18 -24.30
C CYS C 153 24.63 2.35 -23.33
N THR C 154 25.30 3.44 -23.77
CA THR C 154 25.60 4.60 -22.89
C THR C 154 24.83 5.91 -23.20
N ALA C 155 24.15 6.40 -22.17
CA ALA C 155 23.34 7.58 -22.31
C ALA C 155 23.74 8.70 -21.35
N GLU C 156 23.59 9.94 -21.81
CA GLU C 156 23.64 11.12 -20.90
C GLU C 156 22.23 11.63 -20.62
N SER C 157 22.00 11.89 -19.35
CA SER C 157 20.68 12.06 -18.83
C SER C 157 20.70 13.08 -17.73
N VAL C 158 19.67 13.91 -17.72
CA VAL C 158 19.52 14.97 -16.74
C VAL C 158 18.08 15.03 -16.27
N ALA C 159 17.88 15.57 -15.09
CA ALA C 159 16.54 15.71 -14.54
C ALA C 159 16.27 17.16 -14.21
N LYS C 160 15.10 17.65 -14.64
CA LYS C 160 14.78 19.05 -14.52
C LYS C 160 13.52 19.36 -13.77
N VAL C 161 13.58 20.40 -12.92
CA VAL C 161 12.43 20.96 -12.27
C VAL C 161 12.40 22.45 -12.58
N ASP C 162 11.32 22.92 -13.19
CA ASP C 162 11.19 24.35 -13.45
C ASP C 162 12.43 24.86 -14.23
N GLY C 163 12.80 24.15 -15.29
CA GLY C 163 13.99 24.45 -16.11
C GLY C 163 15.35 24.32 -15.46
N GLN C 164 15.43 24.12 -14.13
CA GLN C 164 16.69 23.88 -13.41
C GLN C 164 17.03 22.39 -13.33
N ILE C 165 18.30 22.05 -13.39
CA ILE C 165 18.74 20.68 -13.26
C ILE C 165 18.74 20.30 -11.79
N VAL C 166 18.20 19.12 -11.49
CA VAL C 166 18.19 18.62 -10.10
C VAL C 166 19.08 17.40 -9.96
N CYS C 167 19.38 16.73 -11.06
CA CYS C 167 20.14 15.49 -11.06
C CYS C 167 20.66 15.19 -12.45
N SER C 168 21.89 14.70 -12.55
CA SER C 168 22.42 14.31 -13.86
C SER C 168 23.21 13.03 -13.68
N ALA C 169 23.36 12.27 -14.76
CA ALA C 169 24.14 11.05 -14.71
C ALA C 169 24.41 10.40 -16.08
N GLU C 170 25.26 9.40 -16.03
CA GLU C 170 25.68 8.64 -17.18
C GLU C 170 25.30 7.18 -16.95
N LEU C 171 24.58 6.62 -17.89
CA LEU C 171 23.94 5.33 -17.70
C LEU C 171 24.39 4.33 -18.74
N MET C 172 24.62 3.09 -18.29
CA MET C 172 25.02 1.95 -19.14
C MET C 172 23.95 0.89 -19.02
N ALA C 173 23.07 0.79 -19.99
CA ALA C 173 22.06 -0.27 -19.99
C ALA C 173 22.44 -1.31 -21.03
N ALA C 174 22.18 -2.58 -20.73
CA ALA C 174 22.51 -3.67 -21.62
C ALA C 174 21.25 -4.40 -22.04
N TYR C 175 21.25 -4.98 -23.24
CA TYR C 175 20.51 -6.23 -23.56
C TYR C 175 19.73 -6.16 -24.90
N LYS C 176 19.12 -5.00 -25.19
CA LYS C 176 18.39 -4.73 -26.47
C LYS C 176 16.99 -5.36 -26.63
N LYS D 24 29.36 -3.89 18.97
CA LYS D 24 29.64 -4.49 17.63
C LYS D 24 28.39 -4.62 16.72
N GLN D 25 27.25 -4.94 17.33
CA GLN D 25 26.02 -5.16 16.60
C GLN D 25 25.04 -4.02 16.82
N ILE D 26 24.19 -3.75 15.84
CA ILE D 26 23.08 -2.82 16.03
C ILE D 26 21.84 -3.39 15.39
N ASP D 27 20.80 -3.62 16.19
CA ASP D 27 19.55 -4.14 15.68
C ASP D 27 18.77 -3.00 14.99
N VAL D 28 17.67 -3.39 14.33
CA VAL D 28 16.85 -2.46 13.58
C VAL D 28 16.40 -1.25 14.42
N MET D 29 16.07 -1.50 15.70
CA MET D 29 15.71 -0.40 16.64
C MET D 29 16.82 0.64 16.79
N GLY D 30 18.07 0.17 16.89
CA GLY D 30 19.18 1.06 17.05
C GLY D 30 19.33 1.89 15.81
N ILE D 31 19.34 1.20 14.67
CA ILE D 31 19.26 1.85 13.35
C ILE D 31 18.21 3.00 13.25
N ARG D 32 17.01 2.82 13.80
CA ARG D 32 15.97 3.90 13.76
C ARG D 32 16.37 5.13 14.58
N LYS D 33 17.25 4.96 15.57
CA LYS D 33 17.75 6.13 16.31
C LYS D 33 18.77 6.93 15.54
N ILE D 34 19.48 6.26 14.64
CA ILE D 34 20.58 6.93 13.95
C ILE D 34 20.15 7.54 12.62
N LEU D 35 19.17 6.90 11.96
CA LEU D 35 18.69 7.28 10.62
C LEU D 35 17.19 7.57 10.61
N PRO D 36 16.75 8.57 9.84
CA PRO D 36 15.33 8.90 9.89
C PRO D 36 14.47 8.09 8.94
N HIS D 37 15.10 7.53 7.91
CA HIS D 37 14.51 6.50 7.04
C HIS D 37 13.50 5.57 7.75
N ARG D 38 12.31 5.41 7.17
CA ARG D 38 11.33 4.44 7.65
C ARG D 38 10.66 3.75 6.45
N TYR D 39 9.79 2.82 6.74
CA TYR D 39 9.09 2.07 5.69
C TYR D 39 8.38 2.97 4.63
N PRO D 40 8.48 2.60 3.35
CA PRO D 40 9.15 1.51 2.67
C PRO D 40 10.60 1.78 2.26
N PHE D 41 11.26 2.77 2.86
CA PHE D 41 12.66 3.10 2.52
C PHE D 41 13.72 2.85 3.60
N ALA D 42 13.40 1.99 4.57
CA ALA D 42 14.38 1.50 5.54
C ALA D 42 14.97 0.27 4.91
N LEU D 43 16.17 0.39 4.38
CA LEU D 43 16.72 -0.70 3.61
C LEU D 43 17.82 -1.54 4.31
N LEU D 44 17.84 -1.53 5.64
CA LEU D 44 18.83 -2.31 6.37
C LEU D 44 18.19 -2.96 7.56
N ASP D 45 18.38 -4.24 7.69
CA ASP D 45 17.90 -4.90 8.88
C ASP D 45 18.82 -4.65 10.10
N LYS D 46 20.11 -4.93 9.96
CA LYS D 46 21.06 -4.75 11.11
C LYS D 46 22.47 -4.45 10.69
N ILE D 47 23.22 -3.85 11.62
CA ILE D 47 24.68 -3.73 11.50
C ILE D 47 25.28 -4.94 12.21
N VAL D 48 26.06 -5.73 11.47
CA VAL D 48 26.75 -6.91 12.05
C VAL D 48 28.10 -6.54 12.70
N ASP D 49 28.92 -5.72 12.05
CA ASP D 49 29.97 -5.00 12.78
C ASP D 49 30.38 -3.71 12.11
N TRP D 50 31.20 -2.98 12.85
CA TRP D 50 31.79 -1.73 12.41
C TRP D 50 33.17 -1.63 13.08
N SER D 51 33.82 -0.50 12.86
CA SER D 51 35.14 -0.21 13.37
C SER D 51 35.40 1.20 12.91
N VAL D 52 35.39 2.15 13.84
CA VAL D 52 35.71 3.56 13.52
C VAL D 52 37.19 3.79 13.17
N GLU D 53 38.07 2.92 13.70
CA GLU D 53 39.51 2.93 13.44
C GLU D 53 39.76 2.68 11.96
N ASP D 54 39.39 1.48 11.48
CA ASP D 54 39.52 1.11 10.07
C ASP D 54 38.50 1.80 9.17
N ARG D 55 37.49 2.47 9.75
CA ARG D 55 36.46 3.21 9.01
C ARG D 55 35.53 2.28 8.13
N THR D 56 35.21 1.12 8.67
CA THR D 56 34.49 0.08 7.96
C THR D 56 33.16 -0.27 8.66
N ILE D 57 32.23 -0.84 7.90
CA ILE D 57 30.91 -1.23 8.42
C ILE D 57 30.39 -2.38 7.58
N VAL D 58 29.76 -3.34 8.24
CA VAL D 58 29.10 -4.45 7.55
C VAL D 58 27.64 -4.47 7.95
N ALA D 59 26.77 -4.57 6.95
CA ALA D 59 25.33 -4.59 7.18
C ALA D 59 24.69 -5.80 6.56
N GLN D 60 23.45 -6.06 6.99
CA GLN D 60 22.65 -7.07 6.38
C GLN D 60 21.28 -6.53 6.03
N LYS D 61 20.73 -7.07 4.96
CA LYS D 61 19.46 -6.64 4.38
C LYS D 61 18.92 -7.91 3.84
N ASN D 62 17.80 -8.37 4.38
CA ASN D 62 17.22 -9.61 3.93
C ASN D 62 16.26 -9.35 2.77
N VAL D 63 16.28 -10.25 1.81
CA VAL D 63 15.53 -10.02 0.61
C VAL D 63 14.47 -11.04 0.62
N THR D 64 13.22 -10.61 0.71
CA THR D 64 12.11 -11.58 0.56
C THR D 64 10.99 -11.16 -0.42
N ILE D 65 10.26 -12.16 -0.90
CA ILE D 65 9.12 -11.95 -1.81
C ILE D 65 8.03 -11.10 -1.20
N ASN D 66 8.01 -10.98 0.13
CA ASN D 66 7.00 -10.19 0.79
C ASN D 66 7.27 -8.68 0.83
N GLU D 67 7.83 -8.13 -0.22
CA GLU D 67 8.28 -6.72 -0.15
C GLU D 67 7.64 -6.02 -1.32
N ASP D 68 7.03 -4.89 -1.07
CA ASP D 68 6.13 -4.35 -2.09
C ASP D 68 6.76 -4.15 -3.46
N PHE D 69 8.03 -3.81 -3.52
CA PHE D 69 8.63 -3.45 -4.80
C PHE D 69 8.77 -4.65 -5.71
N PHE D 70 8.80 -5.84 -5.15
CA PHE D 70 8.85 -7.02 -6.02
C PHE D 70 7.59 -7.21 -6.88
N ASN D 71 6.47 -6.60 -6.53
CA ASN D 71 5.27 -6.71 -7.39
C ASN D 71 5.48 -6.05 -8.76
N GLY D 72 6.09 -4.87 -8.76
CA GLY D 72 6.24 -4.07 -9.97
C GLY D 72 7.56 -4.22 -10.66
N HIS D 73 8.50 -4.94 -10.05
CA HIS D 73 9.87 -5.09 -10.60
C HIS D 73 10.41 -6.54 -10.45
N PHE D 74 9.95 -7.51 -11.26
CA PHE D 74 8.92 -7.34 -12.27
C PHE D 74 7.77 -8.27 -12.03
N PRO D 75 6.54 -7.85 -12.36
CA PRO D 75 5.52 -8.92 -12.35
C PRO D 75 6.08 -9.96 -13.32
N ASP D 76 5.99 -11.23 -13.00
CA ASP D 76 6.64 -12.28 -13.83
C ASP D 76 8.09 -12.54 -13.48
N PHE D 77 8.82 -11.61 -12.87
CA PHE D 77 10.18 -11.93 -12.45
C PHE D 77 10.73 -11.04 -11.34
N PRO D 78 10.52 -11.42 -10.09
CA PRO D 78 10.91 -10.51 -9.03
C PRO D 78 12.45 -10.46 -8.85
N VAL D 79 13.01 -9.28 -9.08
CA VAL D 79 14.43 -9.02 -8.94
C VAL D 79 14.60 -7.65 -8.32
N MET D 80 15.55 -7.55 -7.41
CA MET D 80 15.71 -6.36 -6.63
C MET D 80 16.32 -5.31 -7.53
N PRO D 81 15.72 -4.12 -7.60
CA PRO D 81 16.30 -3.00 -8.34
C PRO D 81 17.75 -2.59 -7.96
N GLY D 82 18.63 -2.58 -8.91
CA GLY D 82 19.96 -2.08 -8.70
C GLY D 82 19.90 -0.84 -7.82
N VAL D 83 19.04 0.12 -8.16
CA VAL D 83 19.10 1.37 -7.43
C VAL D 83 18.72 1.24 -5.99
N LEU D 84 18.02 0.19 -5.61
CA LEU D 84 17.75 0.01 -4.17
C LEU D 84 18.91 -0.71 -3.50
N ILE D 85 19.63 -1.55 -4.23
CA ILE D 85 20.87 -2.13 -3.70
C ILE D 85 21.82 -1.01 -3.31
N VAL D 86 21.98 -0.05 -4.23
CA VAL D 86 22.75 1.14 -4.00
C VAL D 86 22.23 1.91 -2.80
N GLU D 87 20.92 2.11 -2.70
CA GLU D 87 20.35 2.83 -1.56
C GLU D 87 20.63 2.10 -0.27
N ALA D 88 20.61 0.79 -0.26
CA ALA D 88 21.03 0.07 0.93
C ALA D 88 22.53 0.35 1.29
N MET D 89 23.41 0.38 0.28
CA MET D 89 24.82 0.80 0.47
C MET D 89 24.91 2.19 1.04
N ALA D 90 24.23 3.13 0.42
CA ALA D 90 24.24 4.49 0.92
C ALA D 90 23.70 4.60 2.34
N GLN D 91 22.94 3.62 2.83
CA GLN D 91 22.35 3.76 4.15
C GLN D 91 23.32 3.24 5.21
N ALA D 92 24.00 2.14 4.94
CA ALA D 92 25.05 1.62 5.82
C ALA D 92 26.18 2.63 5.88
N THR D 93 26.44 3.26 4.75
CA THR D 93 27.44 4.31 4.73
C THR D 93 27.06 5.45 5.67
N ALA D 94 25.82 5.92 5.54
CA ALA D 94 25.32 7.04 6.34
C ALA D 94 25.44 6.74 7.84
N ILE D 95 25.30 5.48 8.22
CA ILE D 95 25.43 5.08 9.61
C ILE D 95 26.88 5.24 10.04
N LEU D 96 27.76 4.48 9.42
CA LEU D 96 29.19 4.65 9.59
C LEU D 96 29.53 6.12 9.72
N GLY D 97 28.89 6.94 8.91
CA GLY D 97 29.08 8.37 8.97
C GLY D 97 28.79 8.91 10.34
N GLU D 98 27.58 8.72 10.83
CA GLU D 98 27.21 9.31 12.11
C GLU D 98 27.86 8.54 13.27
N LEU D 99 28.14 7.25 13.08
CA LEU D 99 28.93 6.51 14.04
C LEU D 99 30.31 7.16 14.22
N MET D 100 30.72 7.96 13.24
CA MET D 100 31.89 8.82 13.37
C MET D 100 31.45 10.26 13.54
N THR D 118 21.03 14.85 8.69
CA THR D 118 21.25 13.52 8.14
C THR D 118 22.21 13.56 6.96
N PHE D 119 22.91 12.47 6.73
CA PHE D 119 23.80 12.36 5.57
C PHE D 119 22.97 12.14 4.30
N MET D 120 22.97 13.13 3.41
CA MET D 120 22.23 13.06 2.14
C MET D 120 23.10 12.72 0.95
N LEU D 121 22.71 11.74 0.17
CA LEU D 121 23.50 11.25 -0.95
C LEU D 121 23.66 12.35 -2.01
N ALA D 122 24.91 12.77 -2.28
CA ALA D 122 25.15 13.82 -3.28
C ALA D 122 25.82 13.28 -4.52
N GLY D 123 26.43 12.11 -4.42
CA GLY D 123 27.09 11.56 -5.60
C GLY D 123 27.08 10.07 -5.67
N ILE D 124 27.06 9.57 -6.90
CA ILE D 124 27.18 8.14 -7.12
C ILE D 124 28.08 7.92 -8.32
N ASP D 125 28.99 6.97 -8.20
CA ASP D 125 29.90 6.73 -9.30
C ASP D 125 30.34 5.32 -9.37
N LYS D 126 30.78 4.94 -10.55
CA LYS D 126 31.28 3.61 -10.83
C LYS D 126 30.39 2.51 -10.25
N VAL D 127 29.08 2.67 -10.39
CA VAL D 127 28.17 1.67 -9.94
C VAL D 127 28.26 0.52 -10.91
N ARG D 128 28.55 -0.66 -10.38
CA ARG D 128 28.55 -1.84 -11.20
C ARG D 128 27.60 -2.84 -10.57
N VAL D 129 26.70 -3.37 -11.38
CA VAL D 129 25.82 -4.42 -11.01
C VAL D 129 26.33 -5.71 -11.62
N LYS D 130 26.61 -6.66 -10.76
CA LYS D 130 27.05 -7.98 -11.22
C LYS D 130 26.04 -8.90 -10.56
N ARG D 131 25.39 -9.79 -11.30
CA ARG D 131 24.41 -10.70 -10.66
C ARG D 131 23.05 -10.08 -10.28
N PRO D 132 21.97 -10.80 -10.56
CA PRO D 132 20.69 -10.38 -10.02
C PRO D 132 20.47 -10.90 -8.61
N VAL D 133 19.71 -10.13 -7.85
CA VAL D 133 19.43 -10.40 -6.48
C VAL D 133 17.94 -10.69 -6.39
N VAL D 134 17.58 -11.86 -5.84
CA VAL D 134 16.20 -12.33 -5.86
C VAL D 134 15.74 -12.63 -4.45
N PRO D 135 14.43 -12.91 -4.31
CA PRO D 135 13.88 -13.35 -3.06
C PRO D 135 14.66 -14.53 -2.48
N GLY D 136 14.99 -14.43 -1.21
CA GLY D 136 15.69 -15.51 -0.52
C GLY D 136 17.16 -15.16 -0.28
N ASP D 137 17.73 -14.32 -1.13
CA ASP D 137 19.09 -13.86 -0.92
C ASP D 137 19.20 -13.03 0.36
N VAL D 138 20.25 -13.33 1.15
CA VAL D 138 20.69 -12.45 2.23
C VAL D 138 21.71 -11.55 1.60
N LEU D 139 21.66 -10.26 1.93
CA LEU D 139 22.42 -9.24 1.22
C LEU D 139 23.34 -8.50 2.18
N VAL D 140 24.61 -8.91 2.18
CA VAL D 140 25.59 -8.34 3.07
C VAL D 140 26.16 -7.11 2.38
N ILE D 141 26.18 -6.00 3.10
CA ILE D 141 26.60 -4.70 2.58
C ILE D 141 27.81 -4.27 3.40
N GLU D 142 28.92 -3.99 2.72
CA GLU D 142 30.19 -3.54 3.33
C GLU D 142 30.45 -2.17 2.78
N SER D 143 30.65 -1.22 3.67
CA SER D 143 31.06 0.11 3.23
C SER D 143 32.30 0.52 3.99
N ARG D 144 33.08 1.40 3.39
CA ARG D 144 34.39 1.78 3.88
C ARG D 144 34.57 3.24 3.52
N MET D 145 34.75 4.10 4.52
CA MET D 145 34.93 5.53 4.25
C MET D 145 36.33 5.80 3.68
N VAL D 146 36.37 6.52 2.55
CA VAL D 146 37.61 6.79 1.81
C VAL D 146 38.11 8.20 2.10
N LYS D 147 37.27 9.20 1.88
CA LYS D 147 37.70 10.59 1.98
C LYS D 147 36.68 11.37 2.79
N GLN D 148 37.14 12.42 3.43
CA GLN D 148 36.29 13.21 4.33
C GLN D 148 36.67 14.68 4.23
N LYS D 149 36.93 15.13 3.01
CA LYS D 149 37.21 16.53 2.69
C LYS D 149 36.05 17.43 3.20
N ASN D 150 36.34 18.22 4.24
CA ASN D 150 35.36 19.08 4.96
C ASN D 150 33.99 18.45 5.38
N ILE D 151 32.92 18.84 4.69
CA ILE D 151 31.53 18.44 4.96
C ILE D 151 31.05 17.34 3.99
N ILE D 152 31.66 17.29 2.80
CA ILE D 152 31.47 16.20 1.84
C ILE D 152 32.25 14.97 2.30
N CYS D 153 31.59 13.82 2.23
CA CYS D 153 32.20 12.57 2.62
C CYS D 153 32.14 11.58 1.45
N THR D 154 33.02 10.58 1.42
CA THR D 154 33.11 9.64 0.28
C THR D 154 33.40 8.24 0.71
N ALA D 155 32.64 7.25 0.20
CA ALA D 155 32.83 5.84 0.56
C ALA D 155 33.03 4.88 -0.63
N GLU D 156 33.59 3.70 -0.35
CA GLU D 156 33.67 2.59 -1.34
C GLU D 156 32.75 1.48 -0.87
N SER D 157 31.83 1.02 -1.73
CA SER D 157 30.89 0.02 -1.25
C SER D 157 30.66 -1.18 -2.12
N VAL D 158 30.18 -2.22 -1.49
CA VAL D 158 30.07 -3.52 -2.08
C VAL D 158 28.86 -4.21 -1.52
N ALA D 159 28.14 -4.95 -2.33
CA ALA D 159 27.11 -5.83 -1.77
C ALA D 159 27.29 -7.26 -2.28
N LYS D 160 27.02 -8.21 -1.38
CA LYS D 160 27.29 -9.62 -1.60
C LYS D 160 26.13 -10.60 -1.24
N VAL D 161 26.11 -11.77 -1.89
CA VAL D 161 25.17 -12.82 -1.62
C VAL D 161 25.95 -14.12 -1.70
N ASP D 162 25.86 -14.97 -0.67
CA ASP D 162 26.72 -16.14 -0.50
C ASP D 162 28.21 -15.78 -0.74
N GLY D 163 28.64 -14.66 -0.19
CA GLY D 163 30.05 -14.27 -0.34
C GLY D 163 30.52 -13.56 -1.60
N GLN D 164 29.79 -13.72 -2.71
CA GLN D 164 30.23 -13.18 -3.99
C GLN D 164 29.71 -11.77 -4.14
N ILE D 165 30.40 -10.94 -4.91
CA ILE D 165 30.00 -9.56 -5.05
C ILE D 165 28.82 -9.42 -6.05
N VAL D 166 27.70 -8.86 -5.59
CA VAL D 166 26.59 -8.60 -6.53
C VAL D 166 26.48 -7.15 -7.06
N CYS D 167 27.15 -6.22 -6.40
CA CYS D 167 27.07 -4.84 -6.81
C CYS D 167 28.18 -4.09 -6.09
N SER D 168 28.70 -3.05 -6.73
CA SER D 168 29.67 -2.20 -6.07
C SER D 168 29.45 -0.79 -6.57
N ALA D 169 30.08 0.17 -5.89
CA ALA D 169 29.83 1.56 -6.16
C ALA D 169 30.62 2.47 -5.20
N GLU D 170 30.92 3.68 -5.67
CA GLU D 170 31.50 4.73 -4.85
C GLU D 170 30.37 5.71 -4.56
N LEU D 171 30.25 6.14 -3.31
CA LEU D 171 29.18 7.04 -2.88
C LEU D 171 29.73 8.30 -2.29
N MET D 172 29.11 9.43 -2.64
CA MET D 172 29.42 10.70 -2.01
C MET D 172 28.20 11.16 -1.24
N ALA D 173 28.40 11.39 0.07
CA ALA D 173 27.37 11.89 0.96
C ALA D 173 27.79 13.23 1.52
N ALA D 174 26.89 14.20 1.49
CA ALA D 174 27.08 15.45 2.22
C ALA D 174 26.22 15.47 3.49
N TYR D 175 26.75 16.08 4.55
CA TYR D 175 26.04 16.14 5.82
C TYR D 175 25.17 17.41 5.88
N LYS D 176 24.34 17.63 4.87
CA LYS D 176 23.42 18.78 4.83
C LYS D 176 22.22 18.56 5.76
N ASP D 177 21.84 19.60 6.51
CA ASP D 177 20.82 19.51 7.56
C ASP D 177 19.67 20.50 7.28
N LYS E 24 -20.95 -0.76 28.16
CA LYS E 24 -20.68 -2.09 27.54
C LYS E 24 -19.61 -2.00 26.47
N GLN E 25 -19.77 -1.04 25.55
CA GLN E 25 -19.06 -1.05 24.26
C GLN E 25 -17.72 -0.31 24.25
N ILE E 26 -16.80 -0.73 23.38
CA ILE E 26 -15.54 0.00 23.18
C ILE E 26 -15.22 0.14 21.69
N ASP E 27 -15.10 1.40 21.23
CA ASP E 27 -14.87 1.72 19.83
C ASP E 27 -13.40 1.51 19.48
N VAL E 28 -13.08 1.56 18.18
CA VAL E 28 -11.72 1.33 17.74
C VAL E 28 -10.67 2.27 18.41
N MET E 29 -11.05 3.47 18.86
CA MET E 29 -10.11 4.37 19.58
C MET E 29 -9.80 3.95 21.00
N GLY E 30 -10.77 3.26 21.60
CA GLY E 30 -10.58 2.66 22.90
C GLY E 30 -9.66 1.47 22.76
N ILE E 31 -9.89 0.66 21.74
CA ILE E 31 -8.98 -0.44 21.47
C ILE E 31 -7.52 0.04 21.27
N ARG E 32 -7.32 1.28 20.83
CA ARG E 32 -5.97 1.79 20.56
C ARG E 32 -5.23 2.23 21.81
N LYS E 33 -5.98 2.53 22.87
CA LYS E 33 -5.41 2.90 24.17
C LYS E 33 -5.09 1.63 24.96
N ILE E 34 -5.91 0.59 24.76
CA ILE E 34 -5.66 -0.68 25.38
C ILE E 34 -4.51 -1.37 24.66
N LEU E 35 -4.72 -1.91 23.46
CA LEU E 35 -3.61 -2.54 22.69
C LEU E 35 -2.76 -1.54 21.87
N PRO E 36 -1.47 -1.88 21.64
CA PRO E 36 -0.50 -1.11 20.84
C PRO E 36 -0.46 -1.50 19.35
N HIS E 37 -1.16 -2.57 18.98
CA HIS E 37 -1.30 -3.00 17.57
C HIS E 37 -1.80 -1.85 16.70
N ARG E 38 -1.35 -1.84 15.43
CA ARG E 38 -1.93 -0.94 14.43
C ARG E 38 -1.89 -1.58 13.01
N TYR E 39 -2.15 -0.76 12.00
CA TYR E 39 -2.32 -1.23 10.65
C TYR E 39 -0.99 -1.70 10.18
N PRO E 40 -0.94 -2.84 9.49
CA PRO E 40 -2.01 -3.72 9.04
C PRO E 40 -2.32 -4.87 9.94
N PHE E 41 -2.10 -4.72 11.24
CA PHE E 41 -2.39 -5.80 12.20
C PHE E 41 -3.27 -5.37 13.38
N ALA E 42 -4.14 -4.38 13.15
CA ALA E 42 -5.26 -4.10 14.04
C ALA E 42 -6.40 -4.81 13.42
N LEU E 43 -6.76 -5.96 13.98
CA LEU E 43 -7.80 -6.81 13.44
C LEU E 43 -9.12 -6.82 14.22
N LEU E 44 -9.42 -5.74 14.95
CA LEU E 44 -10.71 -5.63 15.66
C LEU E 44 -11.35 -4.26 15.45
N ASP E 45 -12.57 -4.23 14.96
CA ASP E 45 -13.26 -2.96 14.80
C ASP E 45 -13.81 -2.43 16.11
N LYS E 46 -14.50 -3.27 16.88
CA LYS E 46 -15.00 -2.82 18.20
C LYS E 46 -15.37 -3.93 19.16
N ILE E 47 -15.45 -3.53 20.43
CA ILE E 47 -15.91 -4.39 21.50
C ILE E 47 -17.36 -4.06 21.80
N VAL E 48 -18.24 -5.03 21.63
CA VAL E 48 -19.65 -4.79 21.90
C VAL E 48 -20.03 -5.02 23.40
N ASP E 49 -19.46 -6.02 24.08
CA ASP E 49 -19.98 -6.40 25.41
C ASP E 49 -18.99 -6.43 26.59
N TRP E 50 -18.16 -7.47 26.63
CA TRP E 50 -17.41 -7.85 27.84
C TRP E 50 -18.18 -8.05 29.20
N SER E 51 -17.42 -8.25 30.29
CA SER E 51 -17.91 -8.56 31.65
C SER E 51 -16.75 -9.17 32.44
N VAL E 52 -16.26 -8.46 33.46
CA VAL E 52 -15.18 -8.97 34.34
C VAL E 52 -15.66 -10.20 35.12
N GLU E 53 -16.77 -10.00 35.83
CA GLU E 53 -17.47 -11.03 36.60
C GLU E 53 -17.46 -12.35 35.83
N ASP E 54 -17.97 -12.27 34.62
CA ASP E 54 -18.23 -13.45 33.80
C ASP E 54 -17.00 -13.90 32.99
N ARG E 55 -15.94 -13.09 33.01
CA ARG E 55 -14.74 -13.36 32.21
C ARG E 55 -15.09 -13.62 30.75
N THR E 56 -15.87 -12.73 30.14
CA THR E 56 -16.25 -12.89 28.72
C THR E 56 -16.11 -11.58 27.95
N ILE E 57 -16.00 -11.70 26.63
CA ILE E 57 -15.97 -10.53 25.74
C ILE E 57 -16.52 -10.92 24.39
N VAL E 58 -17.28 -9.99 23.81
CA VAL E 58 -17.65 -10.09 22.41
C VAL E 58 -17.18 -8.86 21.61
N ALA E 59 -16.51 -9.18 20.50
CA ALA E 59 -15.89 -8.17 19.64
C ALA E 59 -16.35 -8.40 18.21
N GLN E 60 -16.20 -7.36 17.40
CA GLN E 60 -16.58 -7.48 16.00
C GLN E 60 -15.43 -7.13 15.05
N LYS E 61 -15.26 -7.99 14.04
CA LYS E 61 -14.33 -7.71 12.95
C LYS E 61 -15.06 -7.77 11.62
N ASN E 62 -15.29 -6.60 11.02
CA ASN E 62 -15.93 -6.51 9.71
C ASN E 62 -14.95 -6.89 8.67
N VAL E 63 -15.41 -7.62 7.67
CA VAL E 63 -14.54 -8.17 6.68
C VAL E 63 -14.87 -7.57 5.34
N THR E 64 -13.88 -6.97 4.66
CA THR E 64 -14.16 -6.27 3.39
C THR E 64 -13.16 -6.59 2.29
N ILE E 65 -13.59 -6.52 1.03
CA ILE E 65 -12.70 -6.77 -0.12
C ILE E 65 -11.56 -5.77 -0.20
N ASN E 66 -11.73 -4.64 0.51
CA ASN E 66 -10.74 -3.58 0.61
C ASN E 66 -9.65 -3.76 1.69
N GLU E 67 -9.29 -5.00 1.97
CA GLU E 67 -8.22 -5.29 2.91
C GLU E 67 -7.17 -5.93 2.05
N ASP E 68 -5.94 -5.48 2.20
CA ASP E 68 -4.85 -5.91 1.35
C ASP E 68 -4.63 -7.40 1.30
N PHE E 69 -4.87 -8.10 2.39
CA PHE E 69 -4.52 -9.50 2.39
C PHE E 69 -5.29 -10.28 1.27
N PHE E 70 -6.51 -9.86 0.90
CA PHE E 70 -7.27 -10.54 -0.17
C PHE E 70 -6.62 -10.46 -1.51
N ASN E 71 -5.74 -9.50 -1.76
CA ASN E 71 -5.11 -9.49 -3.08
C ASN E 71 -4.24 -10.69 -3.28
N GLY E 72 -3.68 -11.20 -2.20
CA GLY E 72 -2.82 -12.37 -2.28
C GLY E 72 -3.53 -13.67 -1.94
N HIS E 73 -4.60 -13.57 -1.16
CA HIS E 73 -5.22 -14.76 -0.60
C HIS E 73 -6.72 -14.86 -1.00
N PHE E 74 -7.07 -15.27 -2.23
CA PHE E 74 -6.15 -15.50 -3.34
C PHE E 74 -6.63 -14.67 -4.55
N PRO E 75 -5.74 -14.33 -5.50
CA PRO E 75 -6.32 -13.79 -6.73
C PRO E 75 -7.19 -14.85 -7.30
N ASP E 76 -8.36 -14.45 -7.77
CA ASP E 76 -9.35 -15.40 -8.31
C ASP E 76 -10.22 -16.05 -7.22
N PHE E 77 -9.81 -16.01 -5.94
CA PHE E 77 -10.74 -16.35 -4.83
C PHE E 77 -10.39 -15.79 -3.46
N PRO E 78 -10.93 -14.62 -3.13
CA PRO E 78 -10.55 -14.00 -1.89
C PRO E 78 -11.26 -14.62 -0.71
N VAL E 79 -10.46 -15.18 0.21
CA VAL E 79 -10.95 -15.81 1.44
C VAL E 79 -10.03 -15.48 2.53
N MET E 80 -10.59 -15.19 3.69
CA MET E 80 -9.80 -14.69 4.75
C MET E 80 -8.93 -15.86 5.15
N PRO E 81 -7.60 -15.65 5.31
CA PRO E 81 -6.74 -16.73 5.78
C PRO E 81 -7.09 -17.13 7.20
N GLY E 82 -7.02 -18.42 7.48
CA GLY E 82 -7.33 -18.93 8.80
C GLY E 82 -6.63 -18.20 9.92
N VAL E 83 -5.30 -18.09 9.81
CA VAL E 83 -4.48 -17.47 10.87
C VAL E 83 -4.86 -16.02 11.26
N LEU E 84 -5.49 -15.28 10.32
CA LEU E 84 -5.92 -13.93 10.68
C LEU E 84 -7.18 -13.97 11.50
N ILE E 85 -7.99 -14.99 11.25
CA ILE E 85 -9.10 -15.26 12.18
C ILE E 85 -8.56 -15.48 13.60
N VAL E 86 -7.51 -16.28 13.73
CA VAL E 86 -6.96 -16.50 15.06
C VAL E 86 -6.46 -15.22 15.66
N GLU E 87 -5.76 -14.41 14.87
CA GLU E 87 -5.14 -13.19 15.44
C GLU E 87 -6.21 -12.24 15.98
N ALA E 88 -7.36 -12.20 15.32
CA ALA E 88 -8.50 -11.43 15.81
C ALA E 88 -8.90 -12.01 17.15
N MET E 89 -9.13 -13.30 17.15
CA MET E 89 -9.46 -14.00 18.39
C MET E 89 -8.47 -13.62 19.50
N ALA E 90 -7.19 -13.58 19.15
CA ALA E 90 -6.13 -13.33 20.13
C ALA E 90 -6.17 -11.92 20.70
N GLN E 91 -6.54 -10.95 19.88
CA GLN E 91 -6.62 -9.56 20.31
C GLN E 91 -7.90 -9.37 21.13
N ALA E 92 -8.94 -10.10 20.73
CA ALA E 92 -10.17 -10.07 21.50
C ALA E 92 -9.79 -10.50 22.91
N THR E 93 -9.22 -11.70 23.01
CA THR E 93 -8.70 -12.25 24.26
C THR E 93 -7.83 -11.28 25.05
N ALA E 94 -6.81 -10.77 24.39
CA ALA E 94 -5.84 -9.95 25.10
C ALA E 94 -6.39 -8.61 25.57
N ILE E 95 -7.62 -8.26 25.18
CA ILE E 95 -8.25 -7.01 25.65
C ILE E 95 -9.02 -7.35 26.92
N LEU E 96 -9.88 -8.35 26.83
CA LEU E 96 -10.49 -8.91 28.03
C LEU E 96 -9.44 -9.04 29.14
N GLY E 97 -8.37 -9.77 28.84
CA GLY E 97 -7.20 -9.82 29.71
C GLY E 97 -6.89 -8.47 30.31
N GLU E 98 -6.66 -7.45 29.48
CA GLU E 98 -6.30 -6.10 29.97
C GLU E 98 -7.39 -5.42 30.82
N LEU E 99 -8.64 -5.85 30.66
CA LEU E 99 -9.71 -5.40 31.54
C LEU E 99 -9.60 -6.03 32.96
N MET E 100 -9.12 -7.27 33.04
CA MET E 100 -8.80 -7.96 34.32
C MET E 100 -8.05 -7.13 35.36
N ALA E 101 -7.16 -6.23 34.94
CA ALA E 101 -6.53 -5.34 35.90
C ALA E 101 -7.51 -4.21 36.28
N THR E 118 2.19 -5.26 27.74
CA THR E 118 1.03 -5.87 27.07
C THR E 118 1.30 -7.35 26.65
N PHE E 119 0.21 -8.13 26.55
CA PHE E 119 0.23 -9.59 26.28
C PHE E 119 0.93 -9.96 24.97
N MET E 120 1.52 -11.15 24.94
CA MET E 120 2.01 -11.75 23.70
C MET E 120 1.48 -13.20 23.60
N LEU E 121 1.58 -13.78 22.41
CA LEU E 121 0.91 -15.06 22.13
C LEU E 121 1.80 -16.28 22.30
N ALA E 122 1.73 -16.91 23.47
CA ALA E 122 2.61 -18.04 23.79
C ALA E 122 2.12 -19.33 23.17
N GLY E 123 0.93 -19.73 23.55
CA GLY E 123 0.43 -20.98 23.05
C GLY E 123 -0.78 -20.66 22.24
N ILE E 124 -1.06 -21.50 21.26
CA ILE E 124 -2.33 -21.48 20.56
C ILE E 124 -2.63 -22.92 20.24
N ASP E 125 -3.88 -23.32 20.50
CA ASP E 125 -4.26 -24.73 20.49
C ASP E 125 -5.72 -24.98 20.04
N LYS E 126 -6.00 -26.21 19.65
CA LYS E 126 -7.35 -26.63 19.32
C LYS E 126 -7.98 -25.68 18.32
N VAL E 127 -7.34 -25.55 17.16
CA VAL E 127 -7.77 -24.58 16.16
C VAL E 127 -8.55 -25.21 15.02
N ARG E 128 -9.82 -24.86 14.96
CA ARG E 128 -10.72 -25.51 14.04
C ARG E 128 -11.27 -24.48 13.06
N VAL E 129 -10.86 -24.66 11.81
CA VAL E 129 -11.27 -23.83 10.71
C VAL E 129 -12.41 -24.52 9.95
N LYS E 130 -13.62 -24.07 10.24
CA LYS E 130 -14.80 -24.64 9.64
C LYS E 130 -14.96 -24.13 8.22
N ARG E 131 -15.39 -22.87 8.08
CA ARG E 131 -15.87 -22.35 6.79
C ARG E 131 -15.01 -21.20 6.28
N PRO E 132 -15.10 -20.91 4.95
CA PRO E 132 -14.49 -19.72 4.38
C PRO E 132 -15.15 -18.42 4.84
N VAL E 133 -14.36 -17.50 5.40
CA VAL E 133 -14.76 -16.10 5.61
C VAL E 133 -14.47 -15.24 4.37
N VAL E 134 -15.48 -14.49 3.92
CA VAL E 134 -15.37 -13.79 2.62
C VAL E 134 -15.75 -12.33 2.78
N PRO E 135 -15.36 -11.50 1.79
CA PRO E 135 -15.79 -10.12 1.77
C PRO E 135 -17.31 -9.99 1.96
N GLY E 136 -17.70 -9.30 3.02
CA GLY E 136 -19.11 -9.12 3.35
C GLY E 136 -19.57 -9.75 4.66
N ASP E 137 -18.78 -10.69 5.16
CA ASP E 137 -19.13 -11.35 6.39
C ASP E 137 -18.77 -10.44 7.55
N VAL E 138 -19.63 -10.48 8.56
CA VAL E 138 -19.38 -9.85 9.85
C VAL E 138 -18.88 -10.91 10.84
N LEU E 139 -17.75 -10.62 11.49
CA LEU E 139 -17.12 -11.58 12.38
C LEU E 139 -17.36 -11.17 13.81
N VAL E 140 -18.03 -12.04 14.56
CA VAL E 140 -18.28 -11.78 15.95
C VAL E 140 -17.41 -12.73 16.74
N ILE E 141 -16.73 -12.17 17.74
CA ILE E 141 -15.65 -12.87 18.43
C ILE E 141 -16.00 -13.02 19.89
N GLU E 142 -16.14 -14.27 20.34
CA GLU E 142 -16.46 -14.53 21.75
C GLU E 142 -15.22 -15.07 22.41
N SER E 143 -14.81 -14.47 23.52
CA SER E 143 -13.68 -14.99 24.28
C SER E 143 -13.99 -15.15 25.76
N ARG E 144 -13.91 -16.39 26.24
CA ARG E 144 -14.17 -16.72 27.64
C ARG E 144 -12.87 -17.20 28.29
N MET E 145 -12.41 -16.47 29.30
CA MET E 145 -11.19 -16.83 30.04
C MET E 145 -11.42 -17.95 31.06
N VAL E 146 -10.42 -18.83 31.15
CA VAL E 146 -10.46 -20.04 31.99
C VAL E 146 -9.06 -20.37 32.56
N CYS E 153 -2.05 -16.80 31.36
CA CYS E 153 -3.50 -16.88 31.14
C CYS E 153 -3.87 -17.73 29.92
N THR E 154 -5.09 -18.30 29.94
CA THR E 154 -5.61 -19.13 28.86
C THR E 154 -7.03 -18.72 28.54
N ALA E 155 -7.55 -19.19 27.40
CA ALA E 155 -8.90 -18.82 27.04
C ALA E 155 -9.53 -19.69 25.96
N GLU E 156 -10.86 -19.72 26.01
CA GLU E 156 -11.64 -20.28 24.95
C GLU E 156 -12.22 -19.17 24.08
N SER E 157 -12.02 -19.26 22.77
CA SER E 157 -12.61 -18.30 21.86
C SER E 157 -13.25 -18.93 20.66
N VAL E 158 -14.39 -18.34 20.28
CA VAL E 158 -15.12 -18.75 19.10
C VAL E 158 -15.29 -17.52 18.22
N ALA E 159 -15.26 -17.75 16.91
CA ALA E 159 -15.52 -16.69 15.94
C ALA E 159 -16.71 -17.08 15.09
N LYS E 160 -17.67 -16.15 14.95
CA LYS E 160 -18.93 -16.44 14.23
C LYS E 160 -19.26 -15.51 13.07
N VAL E 161 -19.87 -16.12 12.06
CA VAL E 161 -20.53 -15.39 10.98
C VAL E 161 -22.01 -15.77 10.84
N ASP E 162 -22.89 -14.82 11.19
CA ASP E 162 -24.33 -15.02 11.04
C ASP E 162 -24.75 -16.24 11.84
N GLY E 163 -24.45 -16.23 13.13
CA GLY E 163 -24.69 -17.40 14.00
C GLY E 163 -23.60 -18.44 13.89
N GLN E 164 -23.27 -18.83 12.66
CA GLN E 164 -22.44 -20.02 12.38
C GLN E 164 -20.97 -19.88 12.79
N ILE E 165 -20.46 -20.96 13.36
CA ILE E 165 -19.10 -21.03 13.86
C ILE E 165 -18.26 -21.15 12.62
N VAL E 166 -17.22 -20.33 12.52
CA VAL E 166 -16.24 -20.45 11.45
C VAL E 166 -14.91 -20.90 12.05
N CYS E 167 -14.67 -20.52 13.31
CA CYS E 167 -13.43 -20.85 13.98
C CYS E 167 -13.61 -20.93 15.50
N SER E 168 -12.80 -21.82 16.07
CA SER E 168 -12.72 -22.05 17.52
C SER E 168 -11.27 -22.43 17.82
N ALA E 169 -10.78 -22.01 18.97
CA ALA E 169 -9.41 -22.30 19.34
C ALA E 169 -9.16 -21.99 20.80
N GLU E 170 -8.23 -22.71 21.41
CA GLU E 170 -7.78 -22.44 22.77
C GLU E 170 -6.46 -21.64 22.73
N LEU E 171 -6.36 -20.61 23.57
CA LEU E 171 -5.32 -19.60 23.46
C LEU E 171 -4.55 -19.37 24.76
N MET E 172 -3.34 -19.89 24.85
CA MET E 172 -2.50 -19.54 25.98
C MET E 172 -1.80 -18.22 25.62
N ALA E 173 -1.39 -17.45 26.61
CA ALA E 173 -0.75 -16.14 26.34
C ALA E 173 0.01 -15.59 27.54
N ALA E 174 1.01 -14.73 27.26
CA ALA E 174 1.91 -14.18 28.29
C ALA E 174 2.39 -12.73 28.02
N TYR E 175 2.60 -11.99 29.10
CA TYR E 175 3.20 -10.65 29.02
C TYR E 175 4.62 -10.67 28.42
N LYS F 24 17.58 -30.21 -5.77
CA LYS F 24 16.34 -30.12 -4.93
C LYS F 24 16.17 -28.72 -4.33
N GLN F 25 16.14 -27.73 -5.23
CA GLN F 25 16.04 -26.33 -4.87
C GLN F 25 14.83 -25.75 -5.57
N ILE F 26 13.94 -25.10 -4.82
CA ILE F 26 12.84 -24.37 -5.45
C ILE F 26 12.92 -22.91 -5.05
N ASP F 27 13.05 -22.02 -6.03
CA ASP F 27 13.06 -20.56 -5.76
C ASP F 27 11.65 -19.99 -5.96
N VAL F 28 11.48 -18.73 -5.59
CA VAL F 28 10.17 -18.11 -5.47
C VAL F 28 9.28 -18.33 -6.67
N MET F 29 9.89 -18.38 -7.85
CA MET F 29 9.17 -18.56 -9.09
C MET F 29 8.58 -19.95 -9.27
N GLY F 30 9.33 -20.97 -8.86
CA GLY F 30 8.82 -22.32 -8.85
C GLY F 30 7.67 -22.39 -7.86
N ILE F 31 7.88 -21.83 -6.67
CA ILE F 31 6.86 -21.80 -5.60
C ILE F 31 5.53 -21.19 -6.05
N ARG F 32 5.57 -20.30 -7.05
CA ARG F 32 4.39 -19.61 -7.57
C ARG F 32 3.57 -20.54 -8.46
N LYS F 33 4.25 -21.28 -9.34
CA LYS F 33 3.63 -22.40 -10.09
C LYS F 33 2.93 -23.41 -9.18
N ILE F 34 3.35 -23.49 -7.91
CA ILE F 34 2.80 -24.49 -6.97
C ILE F 34 1.67 -23.99 -6.06
N LEU F 35 1.86 -22.86 -5.39
CA LEU F 35 0.79 -22.33 -4.57
C LEU F 35 0.25 -21.17 -5.32
N PRO F 36 -1.01 -20.77 -5.03
CA PRO F 36 -1.66 -19.61 -5.62
C PRO F 36 -1.47 -18.38 -4.75
N HIS F 37 -0.81 -18.55 -3.59
CA HIS F 37 -0.56 -17.41 -2.70
C HIS F 37 0.29 -16.33 -3.44
N ARG F 38 0.03 -15.04 -3.15
CA ARG F 38 0.85 -13.94 -3.68
C ARG F 38 0.89 -12.82 -2.67
N TYR F 39 1.61 -11.74 -2.99
CA TYR F 39 1.73 -10.59 -2.08
C TYR F 39 0.39 -10.12 -1.58
N PRO F 40 0.27 -9.80 -0.30
CA PRO F 40 1.10 -9.94 0.88
C PRO F 40 0.93 -11.26 1.57
N PHE F 41 0.51 -12.33 0.91
CA PHE F 41 0.41 -13.58 1.69
C PHE F 41 1.21 -14.75 1.09
N ALA F 42 2.21 -14.47 0.27
CA ALA F 42 3.29 -15.42 -0.04
C ALA F 42 4.39 -15.25 1.02
N LEU F 43 4.42 -16.17 1.97
CA LEU F 43 5.28 -16.04 3.12
C LEU F 43 6.42 -17.06 3.07
N LEU F 44 6.86 -17.41 1.85
CA LEU F 44 8.04 -18.25 1.62
C LEU F 44 8.91 -17.81 0.46
N ASP F 45 10.22 -17.75 0.70
CA ASP F 45 11.18 -17.29 -0.28
C ASP F 45 11.78 -18.37 -1.15
N LYS F 46 12.10 -19.50 -0.54
CA LYS F 46 12.59 -20.64 -1.30
C LYS F 46 12.54 -21.94 -0.48
N ILE F 47 12.50 -23.03 -1.22
CA ILE F 47 12.68 -24.37 -0.73
C ILE F 47 14.14 -24.79 -0.85
N VAL F 48 14.80 -24.96 0.30
CA VAL F 48 16.21 -25.37 0.38
C VAL F 48 16.40 -26.87 0.04
N ASP F 49 15.41 -27.71 0.43
CA ASP F 49 15.49 -29.17 0.26
C ASP F 49 14.12 -29.81 0.42
N TRP F 50 13.85 -30.85 -0.37
CA TRP F 50 12.64 -31.64 -0.21
C TRP F 50 12.89 -33.17 -0.28
N SER F 51 12.00 -33.95 0.36
CA SER F 51 12.15 -35.42 0.47
C SER F 51 10.87 -36.17 0.06
N VAL F 52 10.84 -36.63 -1.20
CA VAL F 52 9.77 -37.52 -1.66
C VAL F 52 9.66 -38.65 -0.62
N GLU F 53 10.79 -39.30 -0.36
CA GLU F 53 10.83 -40.44 0.55
C GLU F 53 10.45 -40.07 1.99
N ASP F 54 11.22 -39.16 2.60
CA ASP F 54 11.04 -38.87 4.04
C ASP F 54 9.77 -38.05 4.35
N ARG F 55 9.05 -37.65 3.29
CA ARG F 55 7.89 -36.74 3.40
C ARG F 55 8.31 -35.52 4.23
N THR F 56 9.49 -35.00 3.90
CA THR F 56 10.10 -33.88 4.62
C THR F 56 10.23 -32.69 3.65
N ILE F 57 10.27 -31.47 4.24
CA ILE F 57 10.67 -30.27 3.49
C ILE F 57 11.42 -29.28 4.37
N VAL F 58 12.23 -28.44 3.74
CA VAL F 58 12.85 -27.33 4.46
C VAL F 58 12.76 -26.05 3.62
N ALA F 59 12.27 -25.00 4.24
CA ALA F 59 12.01 -23.76 3.54
C ALA F 59 12.69 -22.62 4.25
N GLN F 60 12.96 -21.59 3.47
CA GLN F 60 13.48 -20.35 3.99
C GLN F 60 12.49 -19.24 3.69
N LYS F 61 12.22 -18.46 4.73
CA LYS F 61 11.58 -17.19 4.65
C LYS F 61 12.54 -16.21 5.31
N ASN F 62 13.00 -15.24 4.53
CA ASN F 62 13.77 -14.13 5.02
C ASN F 62 12.90 -13.06 5.66
N VAL F 63 13.38 -12.43 6.75
CA VAL F 63 12.57 -11.52 7.51
C VAL F 63 13.18 -10.16 7.56
N THR F 64 12.53 -9.17 6.93
CA THR F 64 13.10 -7.84 6.82
C THR F 64 12.17 -6.70 7.28
N ILE F 65 12.75 -5.61 7.83
CA ILE F 65 11.95 -4.45 8.29
C ILE F 65 10.99 -3.90 7.19
N ASN F 66 11.29 -4.26 5.96
CA ASN F 66 10.60 -3.70 4.79
C ASN F 66 9.37 -4.53 4.36
N GLU F 67 8.73 -5.17 5.31
CA GLU F 67 7.51 -5.93 5.13
C GLU F 67 6.50 -5.16 5.92
N ASP F 68 5.32 -5.06 5.31
CA ASP F 68 4.33 -4.09 5.69
C ASP F 68 3.77 -4.38 7.09
N PHE F 69 3.59 -5.64 7.46
CA PHE F 69 3.18 -5.92 8.85
C PHE F 69 4.03 -5.30 9.96
N PHE F 70 5.33 -5.08 9.74
CA PHE F 70 6.15 -4.65 10.84
C PHE F 70 5.76 -3.24 11.26
N ASN F 71 4.97 -2.54 10.44
CA ASN F 71 4.55 -1.17 10.82
C ASN F 71 3.48 -1.16 11.92
N GLY F 72 2.60 -2.15 11.87
CA GLY F 72 1.52 -2.28 12.82
C GLY F 72 1.79 -3.24 13.97
N HIS F 73 2.80 -4.09 13.84
CA HIS F 73 3.13 -5.07 14.86
C HIS F 73 4.63 -5.08 15.28
N PHE F 74 5.13 -4.11 16.07
CA PHE F 74 4.40 -2.95 16.61
C PHE F 74 5.19 -1.69 16.42
N PRO F 75 4.50 -0.54 16.28
CA PRO F 75 5.14 0.70 15.89
C PRO F 75 6.44 0.96 16.59
N ASP F 76 6.50 0.72 17.88
CA ASP F 76 7.69 1.05 18.64
C ASP F 76 8.55 -0.19 18.90
N PHE F 77 8.18 -1.30 18.30
CA PHE F 77 8.97 -2.52 18.37
C PHE F 77 8.62 -3.56 17.27
N PRO F 78 9.28 -3.50 16.12
CA PRO F 78 9.08 -4.54 15.12
C PRO F 78 9.29 -5.93 15.64
N VAL F 79 8.20 -6.65 15.91
CA VAL F 79 8.23 -8.13 16.02
C VAL F 79 7.32 -8.85 15.03
N MET F 80 7.70 -10.07 14.68
CA MET F 80 6.95 -10.83 13.72
C MET F 80 5.75 -11.50 14.37
N PRO F 81 4.52 -11.30 13.82
CA PRO F 81 3.34 -12.09 14.22
C PRO F 81 3.60 -13.57 14.23
N GLY F 82 3.26 -14.24 15.34
CA GLY F 82 3.40 -15.70 15.49
C GLY F 82 2.61 -16.39 14.42
N VAL F 83 1.38 -15.93 14.26
CA VAL F 83 0.45 -16.51 13.27
C VAL F 83 1.03 -16.54 11.85
N LEU F 84 1.90 -15.58 11.56
CA LEU F 84 2.55 -15.52 10.24
C LEU F 84 3.64 -16.57 10.10
N ILE F 85 4.48 -16.72 11.13
CA ILE F 85 5.42 -17.87 11.17
C ILE F 85 4.65 -19.16 10.92
N VAL F 86 3.58 -19.36 11.68
CA VAL F 86 2.69 -20.52 11.48
C VAL F 86 2.20 -20.59 10.04
N GLU F 87 1.82 -19.44 9.49
CA GLU F 87 1.31 -19.41 8.11
C GLU F 87 2.39 -19.86 7.15
N ALA F 88 3.63 -19.43 7.43
CA ALA F 88 4.79 -19.83 6.65
C ALA F 88 5.05 -21.32 6.78
N MET F 89 5.15 -21.83 8.03
CA MET F 89 5.19 -23.31 8.22
C MET F 89 4.06 -23.98 7.42
N ALA F 90 2.84 -23.46 7.58
CA ALA F 90 1.70 -23.99 6.84
C ALA F 90 1.93 -24.00 5.35
N GLN F 91 2.42 -22.87 4.82
CA GLN F 91 2.68 -22.79 3.39
C GLN F 91 3.80 -23.78 2.99
N ALA F 92 4.84 -23.88 3.81
CA ALA F 92 5.85 -24.92 3.63
C ALA F 92 5.25 -26.33 3.60
N THR F 93 4.37 -26.61 4.55
CA THR F 93 3.64 -27.88 4.56
C THR F 93 2.87 -28.08 3.25
N ALA F 94 2.15 -27.03 2.84
CA ALA F 94 1.28 -27.13 1.66
C ALA F 94 2.01 -27.50 0.36
N ILE F 95 3.28 -27.13 0.26
CA ILE F 95 4.06 -27.34 -0.95
C ILE F 95 4.41 -28.81 -1.06
N LEU F 96 4.97 -29.32 0.04
CA LEU F 96 5.28 -30.74 0.20
C LEU F 96 4.15 -31.60 -0.33
N GLY F 97 2.96 -31.35 0.22
CA GLY F 97 1.75 -31.93 -0.32
C GLY F 97 1.75 -31.92 -1.83
N GLU F 98 1.74 -30.74 -2.44
CA GLU F 98 1.61 -30.66 -3.89
C GLU F 98 2.68 -31.47 -4.67
N LEU F 99 3.80 -31.79 -4.01
CA LEU F 99 4.87 -32.56 -4.64
C LEU F 99 4.63 -34.09 -4.69
N MET F 100 3.77 -34.60 -3.79
CA MET F 100 3.34 -36.02 -3.83
C MET F 100 2.84 -36.39 -5.23
N THR F 118 -5.83 -27.61 -4.57
CA THR F 118 -4.69 -27.16 -3.78
C THR F 118 -4.67 -27.81 -2.37
N PHE F 119 -4.22 -27.11 -1.34
CA PHE F 119 -4.17 -27.61 0.04
C PHE F 119 -4.49 -26.50 1.07
N MET F 120 -5.76 -26.19 1.30
CA MET F 120 -6.11 -25.17 2.33
C MET F 120 -5.96 -25.72 3.75
N LEU F 121 -5.92 -24.81 4.73
CA LEU F 121 -5.66 -25.13 6.13
C LEU F 121 -6.93 -25.56 6.89
N ALA F 122 -6.90 -26.74 7.49
CA ALA F 122 -8.06 -27.28 8.23
C ALA F 122 -7.95 -27.15 9.77
N GLY F 123 -6.73 -27.19 10.31
CA GLY F 123 -6.55 -26.97 11.74
C GLY F 123 -5.08 -26.85 12.13
N ILE F 124 -4.81 -26.41 13.35
CA ILE F 124 -3.45 -26.23 13.81
C ILE F 124 -3.29 -26.48 15.34
N ASP F 125 -2.99 -27.72 15.70
CA ASP F 125 -2.93 -28.09 17.11
C ASP F 125 -1.53 -27.81 17.66
N LYS F 126 -1.42 -27.83 19.00
CA LYS F 126 -0.17 -27.57 19.75
C LYS F 126 0.80 -26.60 19.06
N VAL F 127 0.80 -25.35 19.49
CA VAL F 127 1.62 -24.31 18.89
C VAL F 127 2.19 -23.56 20.04
N ARG F 128 3.51 -23.44 20.05
CA ARG F 128 4.24 -22.85 21.15
C ARG F 128 5.37 -21.96 20.57
N VAL F 129 5.45 -20.72 21.08
CA VAL F 129 6.37 -19.71 20.56
C VAL F 129 7.38 -19.29 21.62
N LYS F 130 8.63 -19.70 21.43
CA LYS F 130 9.67 -19.48 22.42
C LYS F 130 10.30 -18.11 22.28
N ARG F 131 10.69 -17.73 21.07
CA ARG F 131 11.57 -16.54 20.89
C ARG F 131 11.02 -15.47 19.94
N PRO F 132 11.29 -14.19 20.25
CA PRO F 132 10.96 -13.13 19.34
C PRO F 132 11.69 -13.24 18.00
N VAL F 133 10.94 -13.35 16.91
CA VAL F 133 11.51 -13.21 15.57
C VAL F 133 11.51 -11.76 15.08
N VAL F 134 12.70 -11.22 14.82
CA VAL F 134 12.86 -9.82 14.43
C VAL F 134 13.36 -9.71 12.98
N PRO F 135 13.35 -8.49 12.41
CA PRO F 135 14.05 -8.12 11.16
C PRO F 135 15.54 -8.44 11.16
N GLY F 136 16.00 -9.21 10.19
CA GLY F 136 17.36 -9.71 10.18
C GLY F 136 17.39 -11.22 10.38
N ASP F 137 16.40 -11.75 11.09
CA ASP F 137 16.40 -13.17 11.33
C ASP F 137 16.10 -13.86 10.03
N VAL F 138 17.03 -14.69 9.56
CA VAL F 138 16.71 -15.65 8.52
C VAL F 138 15.89 -16.65 9.26
N LEU F 139 14.91 -17.21 8.56
CA LEU F 139 13.98 -18.11 9.18
C LEU F 139 13.97 -19.39 8.36
N VAL F 140 14.28 -20.49 9.04
CA VAL F 140 14.47 -21.82 8.47
C VAL F 140 13.46 -22.79 9.06
N ILE F 141 12.77 -23.51 8.17
CA ILE F 141 11.45 -24.03 8.43
C ILE F 141 11.38 -25.48 7.94
N GLU F 142 11.17 -26.40 8.87
CA GLU F 142 11.18 -27.83 8.61
C GLU F 142 9.83 -28.35 8.94
N SER F 143 9.34 -29.19 8.03
CA SER F 143 8.00 -29.66 8.10
C SER F 143 7.94 -31.08 7.53
N ARG F 144 7.34 -31.99 8.31
CA ARG F 144 7.32 -33.40 8.00
C ARG F 144 5.92 -33.96 8.15
N MET F 145 5.53 -34.82 7.22
CA MET F 145 4.23 -35.49 7.27
C MET F 145 4.22 -36.64 8.26
N VAL F 146 3.06 -36.86 8.88
CA VAL F 146 2.86 -37.98 9.81
C VAL F 146 1.49 -38.68 9.67
N LYS F 147 0.50 -38.03 9.07
CA LYS F 147 -0.82 -38.65 8.87
C LYS F 147 -1.45 -38.39 7.51
N GLN F 148 -1.77 -39.48 6.81
CA GLN F 148 -2.46 -39.45 5.51
C GLN F 148 -3.81 -40.16 5.63
N LYS F 149 -4.80 -39.45 6.17
CA LYS F 149 -6.08 -40.05 6.56
C LYS F 149 -7.26 -39.64 5.66
N ASN F 150 -7.21 -40.05 4.40
CA ASN F 150 -8.28 -39.78 3.41
C ASN F 150 -8.44 -38.29 3.08
N ILE F 151 -7.78 -37.84 2.01
CA ILE F 151 -7.77 -36.43 1.55
C ILE F 151 -7.46 -35.35 2.62
N ILE F 152 -6.99 -35.78 3.79
CA ILE F 152 -6.48 -34.88 4.83
C ILE F 152 -5.01 -35.24 5.01
N CYS F 153 -4.21 -34.28 5.48
CA CYS F 153 -2.82 -34.56 5.85
C CYS F 153 -2.47 -33.78 7.10
N THR F 154 -1.50 -34.29 7.85
CA THR F 154 -1.01 -33.65 9.07
C THR F 154 0.51 -33.55 9.00
N ALA F 155 1.06 -32.53 9.66
CA ALA F 155 2.47 -32.32 9.66
C ALA F 155 2.96 -31.72 10.96
N GLU F 156 4.22 -31.99 11.26
CA GLU F 156 4.94 -31.33 12.34
C GLU F 156 5.90 -30.36 11.69
N SER F 157 5.88 -29.13 12.21
CA SER F 157 6.75 -28.08 11.71
C SER F 157 7.48 -27.50 12.89
N VAL F 158 8.72 -27.14 12.65
CA VAL F 158 9.50 -26.39 13.62
C VAL F 158 10.14 -25.28 12.84
N ALA F 159 10.28 -24.12 13.48
CA ALA F 159 10.88 -22.98 12.84
C ALA F 159 12.05 -22.53 13.68
N LYS F 160 13.20 -22.28 13.02
CA LYS F 160 14.46 -21.87 13.67
C LYS F 160 15.16 -20.61 13.07
N VAL F 161 15.83 -19.88 13.95
CA VAL F 161 16.70 -18.77 13.59
C VAL F 161 18.11 -18.98 14.22
N ASP F 162 19.12 -19.22 13.38
CA ASP F 162 20.46 -19.59 13.88
C ASP F 162 20.39 -20.92 14.62
N GLY F 163 19.56 -21.83 14.13
CA GLY F 163 19.43 -23.14 14.73
C GLY F 163 18.42 -23.22 15.86
N GLN F 164 18.26 -22.15 16.65
CA GLN F 164 17.37 -22.16 17.84
C GLN F 164 15.87 -22.41 17.51
N ILE F 165 15.08 -22.88 18.48
CA ILE F 165 13.64 -23.09 18.24
C ILE F 165 12.87 -21.82 18.57
N VAL F 166 12.28 -21.19 17.56
CA VAL F 166 11.43 -20.02 17.80
C VAL F 166 9.95 -20.43 17.75
N CYS F 167 9.65 -21.53 17.07
CA CYS F 167 8.27 -21.97 16.96
C CYS F 167 8.13 -23.39 16.45
N SER F 168 7.19 -24.13 17.03
CA SER F 168 6.85 -25.49 16.56
C SER F 168 5.36 -25.64 16.49
N ALA F 169 4.87 -26.58 15.68
CA ALA F 169 3.46 -26.67 15.46
C ALA F 169 3.05 -27.94 14.75
N GLU F 170 1.82 -28.33 14.99
CA GLU F 170 1.21 -29.46 14.34
C GLU F 170 0.16 -28.86 13.43
N LEU F 171 0.27 -29.15 12.13
CA LEU F 171 -0.55 -28.49 11.11
C LEU F 171 -1.34 -29.48 10.28
N MET F 172 -2.60 -29.12 10.08
CA MET F 172 -3.59 -30.04 9.55
C MET F 172 -4.20 -29.39 8.32
N ALA F 173 -4.02 -30.03 7.16
CA ALA F 173 -4.27 -29.36 5.88
C ALA F 173 -4.62 -30.29 4.71
N ALA F 174 -5.69 -29.96 4.00
CA ALA F 174 -6.38 -30.91 3.11
C ALA F 174 -6.62 -30.42 1.67
N TYR F 175 -6.92 -31.39 0.79
CA TYR F 175 -7.38 -31.22 -0.61
C TYR F 175 -6.30 -31.57 -1.63
#